data_1SKQ
#
_entry.id   1SKQ
#
_cell.length_a   61.950
_cell.length_b   113.830
_cell.length_c   81.080
_cell.angle_alpha   90.00
_cell.angle_beta   90.10
_cell.angle_gamma   90.00
#
_symmetry.space_group_name_H-M   'P 1 21 1'
#
loop_
_entity.id
_entity.type
_entity.pdbx_description
1 polymer 'Elongation factor 1-alpha'
2 non-polymer 'MAGNESIUM ION'
3 non-polymer "GUANOSINE-5'-DIPHOSPHATE"
4 water water
#
_entity_poly.entity_id   1
_entity_poly.type   'polypeptide(L)'
_entity_poly.pdbx_seq_one_letter_code
;MSQKPHLNLIVIGHVDHGKSTLVGRLLMDRGFIDEKTVKEAEEAAKKLGKESEKFAFLLDRLKEERERGVTINLTFMRFE
TKKYFFTIIDAPGHRDFVKNMITGASQADAAILVVSAKKGEYEAGMSVEGQTREHIILAKTMGLDQLIVAVNKMDLTEPP
YDEKRYKEIVDQVSKFMRSYGFNTNKVRFVPVVAPSGDNITHKSENMKWYNGPTLEEYLDQLELPPKPVDKPLRIPIQDV
YSISGVGTVPVGRVESGVLKVGDKIVFMPAGKVGEVRSIETHHTKMDKAEPGDNIGFNVRGVEKKDIKRGDVVGHPNNPP
TVADEFTARIIVVWHPTALANGYTPVLHVHTASVACRVSELVSKLDPRTGQEAEKNPQFLKQGDVAIVKFKPIKPLCVEK
YNEFPPLGRFAMRDMGKTVGVGIIVDVKPAKVEIK
;
_entity_poly.pdbx_strand_id   A,B
#
# COMPACT_ATOMS: atom_id res chain seq x y z
N LYS A 4 1.80 35.44 28.73
CA LYS A 4 3.22 35.01 28.38
C LYS A 4 3.31 33.90 27.31
N PRO A 5 4.06 34.15 26.22
CA PRO A 5 4.23 33.14 25.15
C PRO A 5 4.78 31.81 25.71
N HIS A 6 4.41 30.67 25.12
CA HIS A 6 4.91 29.37 25.56
C HIS A 6 6.00 28.97 24.61
N LEU A 7 7.12 28.45 25.12
CA LEU A 7 8.19 28.00 24.25
C LEU A 7 8.61 26.61 24.68
N ASN A 8 9.02 25.81 23.71
CA ASN A 8 9.51 24.46 23.99
C ASN A 8 11.04 24.60 24.04
N LEU A 9 11.65 24.05 25.08
CA LEU A 9 13.11 24.23 25.23
C LEU A 9 13.73 22.85 25.25
N ILE A 10 14.86 22.69 24.57
CA ILE A 10 15.58 21.42 24.58
C ILE A 10 16.95 21.71 25.23
N VAL A 11 17.43 20.81 26.09
CA VAL A 11 18.75 20.99 26.73
C VAL A 11 19.63 19.90 26.15
N ILE A 12 20.73 20.31 25.53
CA ILE A 12 21.62 19.39 24.88
C ILE A 12 23.00 19.46 25.47
N GLY A 13 23.86 18.57 25.02
CA GLY A 13 25.21 18.47 25.53
C GLY A 13 25.65 17.04 25.77
N HIS A 14 26.94 16.90 26.06
CA HIS A 14 27.54 15.60 26.29
C HIS A 14 27.07 14.94 27.60
N VAL A 15 27.08 13.59 27.60
CA VAL A 15 26.68 12.83 28.78
C VAL A 15 27.53 13.25 30.00
N ASP A 16 26.83 13.39 31.14
CA ASP A 16 27.39 13.76 32.44
C ASP A 16 27.84 15.21 32.52
N HIS A 17 27.56 16.02 31.50
CA HIS A 17 27.97 17.44 31.61
C HIS A 17 27.09 18.30 32.54
N GLY A 18 25.90 17.77 32.84
CA GLY A 18 24.99 18.41 33.77
C GLY A 18 23.59 18.76 33.28
N LYS A 19 23.15 18.14 32.18
CA LYS A 19 21.81 18.45 31.64
C LYS A 19 20.63 18.18 32.60
N SER A 20 20.58 16.97 33.15
CA SER A 20 19.48 16.62 34.07
C SER A 20 19.48 17.53 35.28
N THR A 21 20.68 17.87 35.78
CA THR A 21 20.76 18.71 36.95
C THR A 21 20.27 20.09 36.66
N LEU A 22 20.68 20.62 35.50
CA LEU A 22 20.27 21.96 35.16
C LEU A 22 18.75 22.00 34.96
N VAL A 23 18.24 20.98 34.29
CA VAL A 23 16.79 20.88 34.04
C VAL A 23 16.07 20.81 35.40
N GLY A 24 16.56 19.90 36.26
CA GLY A 24 16.03 19.77 37.60
C GLY A 24 16.09 21.10 38.34
N ARG A 25 17.19 21.84 38.25
CA ARG A 25 17.29 23.14 38.96
C ARG A 25 16.26 24.15 38.47
N LEU A 26 16.12 24.27 37.15
CA LEU A 26 15.11 25.19 36.61
C LEU A 26 13.68 24.83 37.10
N LEU A 27 13.34 23.53 37.11
CA LEU A 27 12.01 23.06 37.52
C LEU A 27 11.79 23.35 38.99
N MET A 28 12.79 23.05 39.82
CA MET A 28 12.67 23.33 41.23
C MET A 28 12.51 24.80 41.55
N ASP A 29 13.31 25.68 40.92
CA ASP A 29 13.27 27.13 41.16
C ASP A 29 12.20 27.98 40.42
N ARG A 30 11.64 27.49 39.32
CA ARG A 30 10.67 28.30 38.58
C ARG A 30 9.54 27.47 38.02
N GLY A 31 9.49 26.21 38.38
CA GLY A 31 8.48 25.29 37.88
C GLY A 31 7.25 25.09 38.74
N PHE A 32 6.60 23.93 38.58
CA PHE A 32 5.39 23.62 39.31
C PHE A 32 5.36 22.19 39.83
N ILE A 33 6.19 21.90 40.84
CA ILE A 33 6.27 20.57 41.45
C ILE A 33 5.05 20.40 42.39
N ASP A 34 4.37 19.25 42.37
CA ASP A 34 3.19 19.09 43.25
C ASP A 34 3.53 19.27 44.73
N GLU A 35 2.56 19.74 45.49
CA GLU A 35 2.69 19.96 46.94
C GLU A 35 3.07 18.70 47.70
N LYS A 36 2.54 17.57 47.25
CA LYS A 36 2.82 16.31 47.89
C LYS A 36 4.31 15.98 47.68
N THR A 37 4.82 16.26 46.49
CA THR A 37 6.23 15.99 46.20
C THR A 37 7.13 16.98 46.90
N VAL A 38 6.80 18.25 46.80
CA VAL A 38 7.65 19.21 47.48
C VAL A 38 7.74 18.80 48.96
N LYS A 39 6.58 18.62 49.60
CA LYS A 39 6.50 18.22 51.01
C LYS A 39 7.46 17.09 51.38
N GLU A 40 7.31 15.95 50.72
CA GLU A 40 8.17 14.80 50.96
C GLU A 40 9.66 15.18 50.82
N ALA A 41 9.98 16.03 49.85
CA ALA A 41 11.37 16.44 49.63
C ALA A 41 11.86 17.26 50.82
N GLU A 42 10.99 18.12 51.32
CA GLU A 42 11.34 18.92 52.48
C GLU A 42 11.53 17.98 53.67
N GLU A 43 10.60 17.03 53.84
CA GLU A 43 10.68 16.06 54.93
C GLU A 43 12.01 15.32 54.90
N ALA A 44 12.40 14.87 53.71
CA ALA A 44 13.68 14.18 53.53
C ALA A 44 14.86 15.07 53.94
N ALA A 45 14.87 16.31 53.47
CA ALA A 45 15.94 17.23 53.80
C ALA A 45 16.04 17.39 55.30
N LYS A 46 14.87 17.46 55.96
CA LYS A 46 14.80 17.63 57.41
C LYS A 46 15.46 16.43 58.12
N LYS A 47 14.99 15.22 57.85
CA LYS A 47 15.56 14.02 58.47
C LYS A 47 17.07 13.89 58.28
N LEU A 48 17.59 14.30 57.12
CA LEU A 48 19.02 14.19 56.89
C LEU A 48 19.80 15.36 57.43
N GLY A 49 19.12 16.46 57.72
CA GLY A 49 19.80 17.64 58.22
C GLY A 49 20.76 18.20 57.18
N LYS A 50 20.28 18.30 55.93
CA LYS A 50 21.08 18.79 54.81
C LYS A 50 20.14 19.35 53.74
N GLU A 51 20.20 20.67 53.57
CA GLU A 51 19.35 21.39 52.64
C GLU A 51 19.34 20.86 51.22
N SER A 52 20.50 20.48 50.73
CA SER A 52 20.61 20.00 49.35
C SER A 52 19.90 18.68 49.12
N GLU A 53 19.49 18.01 50.20
CA GLU A 53 18.81 16.76 50.04
C GLU A 53 17.45 17.02 49.39
N LYS A 54 16.93 18.24 49.51
CA LYS A 54 15.63 18.55 48.88
C LYS A 54 15.76 18.41 47.37
N PHE A 55 16.79 19.06 46.83
CA PHE A 55 17.02 19.02 45.39
C PHE A 55 17.32 17.59 44.96
N ALA A 56 18.14 16.85 45.71
CA ALA A 56 18.41 15.48 45.31
C ALA A 56 17.13 14.65 45.26
N PHE A 57 16.25 14.87 46.24
CA PHE A 57 14.98 14.15 46.32
C PHE A 57 14.15 14.53 45.07
N LEU A 58 13.97 15.81 44.82
CA LEU A 58 13.22 16.25 43.64
C LEU A 58 13.77 15.68 42.33
N LEU A 59 15.10 15.65 42.19
CA LEU A 59 15.73 15.14 40.97
C LEU A 59 15.37 13.70 40.74
N ASP A 60 15.35 12.92 41.82
CA ASP A 60 14.94 11.53 41.66
C ASP A 60 13.48 11.46 41.30
N ARG A 61 12.65 12.32 41.87
CA ARG A 61 11.24 12.24 41.54
C ARG A 61 11.02 12.59 40.06
N LEU A 62 11.65 13.67 39.63
CA LEU A 62 11.52 14.10 38.24
C LEU A 62 11.98 12.96 37.36
N LYS A 63 13.10 12.35 37.71
CA LYS A 63 13.60 11.25 36.92
C LYS A 63 12.59 10.10 36.86
N GLU A 64 11.85 9.91 37.96
CA GLU A 64 10.84 8.85 38.01
C GLU A 64 9.81 9.05 36.88
N GLU A 65 9.33 10.27 36.71
CA GLU A 65 8.36 10.59 35.64
C GLU A 65 8.74 9.90 34.33
N MET A 77 6.94 19.32 33.65
CA MET A 77 8.19 19.88 33.14
C MET A 77 8.11 21.21 32.45
N ARG A 78 7.36 22.10 33.06
CA ARG A 78 7.18 23.45 32.58
C ARG A 78 7.70 24.36 33.66
N PHE A 79 8.27 25.49 33.26
CA PHE A 79 8.68 26.46 34.26
C PHE A 79 8.38 27.85 33.73
N GLU A 80 8.40 28.83 34.62
CA GLU A 80 8.07 30.19 34.19
C GLU A 80 9.13 31.23 34.49
N THR A 81 9.42 32.09 33.52
CA THR A 81 10.40 33.15 33.71
C THR A 81 9.66 34.50 33.61
N LYS A 82 10.39 35.59 33.69
CA LYS A 82 9.82 36.93 33.61
C LYS A 82 8.92 37.07 32.37
N LYS A 83 9.35 36.54 31.23
CA LYS A 83 8.56 36.70 30.01
C LYS A 83 7.90 35.47 29.45
N TYR A 84 8.44 34.33 29.77
CA TYR A 84 7.92 33.15 29.15
C TYR A 84 7.56 31.98 30.01
N PHE A 85 6.81 31.10 29.37
CA PHE A 85 6.46 29.85 29.93
C PHE A 85 7.27 28.89 29.05
N PHE A 86 8.09 28.07 29.69
CA PHE A 86 8.90 27.08 28.96
C PHE A 86 8.49 25.67 29.29
N THR A 87 8.46 24.81 28.27
CA THR A 87 8.20 23.41 28.50
C THR A 87 9.46 22.67 28.06
N ILE A 88 10.00 21.82 28.92
CA ILE A 88 11.20 21.11 28.54
C ILE A 88 10.81 19.86 27.79
N ILE A 89 11.33 19.69 26.58
CA ILE A 89 10.98 18.56 25.72
C ILE A 89 12.13 17.56 25.51
N ASP A 90 11.85 16.44 24.85
CA ASP A 90 12.91 15.43 24.64
C ASP A 90 14.13 15.89 23.88
N ALA A 91 15.29 15.57 24.44
CA ALA A 91 16.54 15.92 23.84
C ALA A 91 16.99 14.72 23.02
N PRO A 92 18.00 14.90 22.18
CA PRO A 92 18.47 13.78 21.37
C PRO A 92 18.80 12.55 22.23
N GLY A 93 18.74 11.37 21.63
CA GLY A 93 19.02 10.15 22.37
C GLY A 93 17.77 9.42 22.80
N HIS A 94 16.61 10.06 22.66
CA HIS A 94 15.36 9.45 23.02
C HIS A 94 14.58 8.84 21.85
N ARG A 95 13.73 7.88 22.20
CA ARG A 95 12.92 7.21 21.21
C ARG A 95 12.05 8.21 20.44
N ASP A 96 12.01 8.08 19.13
CA ASP A 96 11.20 8.92 18.24
C ASP A 96 11.64 10.38 18.22
N PHE A 97 12.87 10.64 18.63
CA PHE A 97 13.33 12.04 18.66
C PHE A 97 13.18 12.67 17.28
N VAL A 98 13.69 12.00 16.26
CA VAL A 98 13.64 12.57 14.92
C VAL A 98 12.24 12.55 14.37
N LYS A 99 11.59 11.39 14.48
CA LYS A 99 10.22 11.27 13.97
C LYS A 99 9.32 12.39 14.51
N ASN A 100 9.35 12.63 15.82
CA ASN A 100 8.48 13.67 16.40
C ASN A 100 8.79 15.08 15.90
N MET A 101 10.04 15.34 15.56
CA MET A 101 10.34 16.68 15.01
C MET A 101 9.80 16.77 13.57
N ILE A 102 9.90 15.68 12.82
CA ILE A 102 9.42 15.68 11.43
C ILE A 102 7.89 15.82 11.36
N THR A 103 7.18 15.09 12.20
CA THR A 103 5.73 15.13 12.16
C THR A 103 5.17 16.39 12.83
N GLY A 104 5.99 17.08 13.62
CA GLY A 104 5.55 18.29 14.30
C GLY A 104 4.98 17.95 15.70
N ALA A 105 5.00 16.68 16.10
CA ALA A 105 4.51 16.27 17.44
C ALA A 105 5.35 16.94 18.50
N SER A 106 6.55 17.29 18.14
CA SER A 106 7.39 17.98 19.09
C SER A 106 8.04 19.04 18.25
N GLN A 107 8.69 19.98 18.91
CA GLN A 107 9.42 20.98 18.18
C GLN A 107 10.06 21.93 19.15
N ALA A 108 11.32 22.25 18.88
CA ALA A 108 12.10 23.14 19.73
C ALA A 108 12.07 24.56 19.27
N ASP A 109 11.79 25.45 20.21
CA ASP A 109 11.78 26.90 19.96
C ASP A 109 13.12 27.53 20.45
N ALA A 110 13.77 26.87 21.40
CA ALA A 110 15.02 27.38 21.96
C ALA A 110 15.85 26.22 22.56
N ALA A 111 17.14 26.44 22.76
CA ALA A 111 18.00 25.41 23.32
C ALA A 111 19.08 25.94 24.25
N ILE A 112 19.47 25.10 25.19
CA ILE A 112 20.60 25.42 26.09
C ILE A 112 21.57 24.24 25.84
N LEU A 113 22.82 24.55 25.58
CA LEU A 113 23.86 23.56 25.38
C LEU A 113 24.60 23.59 26.71
N VAL A 114 24.66 22.46 27.39
CA VAL A 114 25.40 22.42 28.67
C VAL A 114 26.81 21.88 28.33
N VAL A 115 27.84 22.58 28.78
CA VAL A 115 29.20 22.23 28.48
C VAL A 115 29.95 22.18 29.82
N SER A 116 30.51 21.03 30.17
CA SER A 116 31.25 20.92 31.46
C SER A 116 32.61 21.57 31.35
N ALA A 117 32.93 22.43 32.34
CA ALA A 117 34.25 23.10 32.34
C ALA A 117 35.33 22.22 32.99
N LYS A 118 34.91 21.11 33.57
CA LYS A 118 35.84 20.21 34.27
C LYS A 118 36.90 19.66 33.32
N LYS A 119 38.13 19.65 33.83
CA LYS A 119 39.27 19.18 33.04
C LYS A 119 38.95 17.80 32.42
N GLY A 120 39.22 17.66 31.14
CA GLY A 120 38.93 16.37 30.52
C GLY A 120 37.49 16.25 30.02
N GLU A 121 36.50 16.66 30.80
CA GLU A 121 35.13 16.54 30.36
C GLU A 121 34.88 17.44 29.16
N TYR A 122 35.25 18.73 29.26
CA TYR A 122 35.05 19.65 28.15
C TYR A 122 35.72 19.06 26.86
N GLU A 123 36.96 18.59 27.03
CA GLU A 123 37.72 18.05 25.93
C GLU A 123 37.07 16.83 25.30
N ALA A 124 36.51 15.94 26.12
CA ALA A 124 35.82 14.76 25.59
C ALA A 124 34.55 15.20 24.81
N GLY A 125 33.81 16.14 25.37
CA GLY A 125 32.63 16.60 24.68
C GLY A 125 32.89 17.23 23.33
N MET A 126 33.98 18.00 23.25
CA MET A 126 34.35 18.68 22.02
C MET A 126 35.23 17.84 21.05
N SER A 127 35.53 16.59 21.41
CA SER A 127 36.33 15.78 20.48
C SER A 127 35.51 15.31 19.24
N VAL A 128 36.18 14.65 18.30
CA VAL A 128 35.53 14.18 17.07
C VAL A 128 34.27 13.37 17.30
N GLU A 129 34.28 12.50 18.31
CA GLU A 129 33.10 11.66 18.58
C GLU A 129 32.21 12.19 19.67
N GLY A 130 32.53 13.38 20.20
CA GLY A 130 31.81 13.90 21.36
C GLY A 130 30.50 14.55 21.04
N GLN A 131 29.58 14.55 21.99
CA GLN A 131 28.25 15.08 21.73
C GLN A 131 28.18 16.57 21.85
N THR A 132 29.22 17.23 22.41
CA THR A 132 29.08 18.68 22.39
C THR A 132 29.17 19.10 20.90
N ARG A 133 30.16 18.57 20.21
CA ARG A 133 30.30 18.90 18.77
C ARG A 133 29.06 18.42 17.98
N GLU A 134 28.62 17.19 18.22
CA GLU A 134 27.44 16.63 17.58
C GLU A 134 26.17 17.48 17.80
N HIS A 135 25.90 17.87 19.05
CA HIS A 135 24.70 18.64 19.35
C HIS A 135 24.77 20.08 18.82
N ILE A 136 25.96 20.67 18.72
CA ILE A 136 26.05 21.99 18.13
C ILE A 136 25.65 21.88 16.63
N ILE A 137 26.15 20.85 15.96
CA ILE A 137 25.83 20.66 14.54
C ILE A 137 24.33 20.38 14.42
N LEU A 138 23.79 19.58 15.34
CA LEU A 138 22.36 19.30 15.32
C LEU A 138 21.56 20.58 15.57
N ALA A 139 22.02 21.43 16.48
CA ALA A 139 21.28 22.65 16.75
C ALA A 139 21.28 23.51 15.48
N LYS A 140 22.36 23.42 14.69
CA LYS A 140 22.41 24.22 13.47
C LYS A 140 21.37 23.65 12.49
N THR A 141 21.23 22.33 12.44
CA THR A 141 20.26 21.76 11.51
C THR A 141 18.84 22.09 11.88
N MET A 142 18.58 22.28 13.17
CA MET A 142 17.27 22.59 13.70
C MET A 142 16.91 24.08 13.70
N GLY A 143 17.83 24.94 13.26
CA GLY A 143 17.59 26.38 13.23
C GLY A 143 17.57 27.07 14.61
N LEU A 144 18.31 26.55 15.59
CA LEU A 144 18.33 27.09 16.95
C LEU A 144 19.46 28.11 17.07
N ASP A 145 19.30 29.19 16.31
CA ASP A 145 20.27 30.29 16.24
C ASP A 145 20.46 31.12 17.53
N GLN A 146 19.58 30.95 18.50
CA GLN A 146 19.69 31.72 19.77
C GLN A 146 20.13 30.83 20.93
N LEU A 147 20.89 29.82 20.63
CA LEU A 147 21.40 28.88 21.64
C LEU A 147 22.05 29.60 22.82
N ILE A 148 21.84 29.08 24.02
CA ILE A 148 22.46 29.66 25.20
C ILE A 148 23.39 28.52 25.61
N VAL A 149 24.64 28.84 25.83
CA VAL A 149 25.64 27.83 26.21
C VAL A 149 25.94 28.02 27.71
N ALA A 150 25.59 27.03 28.52
CA ALA A 150 25.80 27.06 29.93
C ALA A 150 27.13 26.34 30.17
N VAL A 151 28.16 27.09 30.59
CA VAL A 151 29.46 26.46 30.85
C VAL A 151 29.34 26.11 32.32
N ASN A 152 29.04 24.83 32.52
CA ASN A 152 28.72 24.26 33.82
C ASN A 152 29.92 23.66 34.62
N LYS A 153 29.67 23.24 35.85
CA LYS A 153 30.71 22.71 36.76
C LYS A 153 31.79 23.75 36.91
N MET A 154 31.42 25.03 36.95
CA MET A 154 32.48 26.03 37.14
C MET A 154 33.23 25.88 38.50
N ASP A 155 32.55 25.24 39.46
CA ASP A 155 33.13 25.01 40.77
C ASP A 155 34.21 23.93 40.68
N LEU A 156 34.29 23.16 39.59
CA LEU A 156 35.31 22.10 39.50
C LEU A 156 36.55 22.42 38.68
N THR A 157 36.72 23.68 38.25
CA THR A 157 37.92 24.10 37.49
C THR A 157 39.05 24.12 38.51
N GLU A 158 40.31 24.29 38.05
CA GLU A 158 41.47 24.34 38.96
C GLU A 158 42.18 25.70 38.74
N PRO A 159 42.04 26.62 39.69
CA PRO A 159 41.27 26.56 40.95
C PRO A 159 39.75 26.73 40.62
N PRO A 160 38.86 26.50 41.58
CA PRO A 160 37.41 26.65 41.37
C PRO A 160 37.07 28.08 40.88
N TYR A 161 36.08 28.17 39.99
CA TYR A 161 35.61 29.42 39.46
C TYR A 161 36.63 30.19 38.63
N ASP A 162 37.36 29.45 37.80
CA ASP A 162 38.43 30.03 37.00
C ASP A 162 38.04 30.76 35.71
N GLU A 163 38.27 32.07 35.72
CA GLU A 163 37.90 32.87 34.51
C GLU A 163 38.61 32.42 33.26
N LYS A 164 39.90 32.12 33.38
CA LYS A 164 40.67 31.74 32.21
C LYS A 164 40.11 30.48 31.54
N ARG A 165 39.80 29.45 32.32
CA ARG A 165 39.19 28.23 31.73
C ARG A 165 37.83 28.52 31.06
N TYR A 166 37.01 29.37 31.66
CA TYR A 166 35.74 29.73 31.04
C TYR A 166 35.98 30.45 29.70
N LYS A 167 36.91 31.42 29.67
CA LYS A 167 37.14 32.15 28.40
C LYS A 167 37.69 31.25 27.32
N GLU A 168 38.51 30.30 27.71
CA GLU A 168 39.12 29.43 26.74
C GLU A 168 38.00 28.61 26.08
N ILE A 169 37.07 28.18 26.91
CA ILE A 169 35.96 27.36 26.41
C ILE A 169 35.07 28.19 25.53
N VAL A 170 34.72 29.41 25.99
CA VAL A 170 33.86 30.26 25.21
C VAL A 170 34.58 30.53 23.84
N ASP A 171 35.87 30.81 23.89
CA ASP A 171 36.54 31.07 22.60
C ASP A 171 36.56 29.85 21.65
N GLN A 172 36.88 28.70 22.18
CA GLN A 172 36.97 27.49 21.35
C GLN A 172 35.62 27.05 20.82
N VAL A 173 34.60 27.10 21.66
CA VAL A 173 33.28 26.75 21.19
C VAL A 173 32.80 27.77 20.17
N SER A 174 33.06 29.06 20.40
CA SER A 174 32.61 30.08 19.45
C SER A 174 33.29 29.88 18.07
N LYS A 175 34.58 29.62 18.09
CA LYS A 175 35.30 29.41 16.79
C LYS A 175 34.75 28.16 16.07
N PHE A 176 34.51 27.10 16.84
CA PHE A 176 33.95 25.91 16.24
C PHE A 176 32.58 26.25 15.62
N MET A 177 31.73 26.93 16.38
CA MET A 177 30.44 27.30 15.85
C MET A 177 30.56 28.13 14.57
N ARG A 178 31.45 29.11 14.59
CA ARG A 178 31.60 29.94 13.38
C ARG A 178 32.01 29.05 12.22
N SER A 179 32.87 28.07 12.48
CA SER A 179 33.31 27.20 11.39
C SER A 179 32.20 26.35 10.81
N TYR A 180 31.10 26.22 11.56
CA TYR A 180 29.96 25.47 11.05
C TYR A 180 28.80 26.33 10.59
N GLY A 181 29.04 27.62 10.37
CA GLY A 181 28.03 28.50 9.82
C GLY A 181 27.07 28.96 10.87
N PHE A 182 27.15 28.21 11.96
CA PHE A 182 26.34 28.50 13.10
C PHE A 182 26.62 29.97 13.38
N ASN A 183 25.71 30.83 12.99
CA ASN A 183 25.82 32.29 13.10
C ASN A 183 26.71 33.00 14.15
N THR A 184 26.39 32.88 15.45
CA THR A 184 27.14 33.44 16.60
C THR A 184 26.80 34.77 17.28
N ASN A 185 26.21 35.71 16.54
CA ASN A 185 25.87 36.98 17.17
C ASN A 185 24.72 36.83 18.16
N LYS A 186 23.90 35.79 18.00
CA LYS A 186 22.77 35.50 18.89
C LYS A 186 23.10 34.38 19.93
N VAL A 187 24.33 33.89 19.94
CA VAL A 187 24.72 32.82 20.90
C VAL A 187 25.21 33.51 22.15
N ARG A 188 24.75 33.05 23.31
CA ARG A 188 25.16 33.67 24.56
C ARG A 188 25.84 32.60 25.43
N PHE A 189 26.85 32.99 26.21
CA PHE A 189 27.55 32.03 27.09
C PHE A 189 27.38 32.55 28.56
N VAL A 190 27.21 31.63 29.50
CA VAL A 190 27.11 32.02 30.88
C VAL A 190 27.80 30.92 31.71
N PRO A 191 28.65 31.32 32.72
CA PRO A 191 29.35 30.36 33.57
C PRO A 191 28.40 30.03 34.72
N VAL A 192 28.12 28.75 34.93
CA VAL A 192 27.14 28.34 35.95
C VAL A 192 27.61 27.14 36.77
N VAL A 193 26.82 26.86 37.82
CA VAL A 193 27.00 25.68 38.63
C VAL A 193 25.56 25.16 38.82
N ALA A 194 25.20 24.10 38.11
CA ALA A 194 23.84 23.58 38.13
C ALA A 194 23.22 23.20 39.47
N PRO A 195 23.95 22.43 40.29
CA PRO A 195 23.40 22.01 41.61
C PRO A 195 22.91 23.14 42.47
N SER A 196 23.64 24.23 42.47
CA SER A 196 23.29 25.39 43.28
C SER A 196 22.51 26.52 42.62
N GLY A 197 22.27 26.45 41.30
CA GLY A 197 21.58 27.56 40.66
C GLY A 197 22.47 28.77 40.39
N ASP A 198 23.78 28.67 40.68
CA ASP A 198 24.72 29.82 40.51
C ASP A 198 24.72 30.32 39.04
N ASN A 199 24.35 31.59 38.83
CA ASN A 199 24.23 32.24 37.50
C ASN A 199 23.13 31.59 36.67
N ILE A 200 22.28 30.81 37.31
CA ILE A 200 21.16 30.23 36.55
C ILE A 200 19.89 30.99 36.95
N THR A 201 19.48 30.82 38.20
CA THR A 201 18.30 31.51 38.71
C THR A 201 18.64 32.64 39.68
N HIS A 202 19.94 32.83 39.94
CA HIS A 202 20.42 33.94 40.78
C HIS A 202 21.89 34.24 40.42
N LYS A 203 22.35 35.45 40.76
CA LYS A 203 23.70 35.82 40.44
C LYS A 203 24.67 35.11 41.38
N SER A 204 25.79 34.63 40.84
CA SER A 204 26.77 33.92 41.68
C SER A 204 27.54 34.90 42.57
N GLU A 205 27.94 34.48 43.75
CA GLU A 205 28.79 35.33 44.58
C GLU A 205 30.21 34.78 44.44
N ASN A 206 30.36 33.74 43.61
CA ASN A 206 31.65 33.11 43.41
C ASN A 206 32.35 33.45 42.09
N MET A 207 31.71 34.24 41.25
CA MET A 207 32.36 34.56 39.98
C MET A 207 32.22 36.03 39.71
N LYS A 208 32.90 36.81 40.53
CA LYS A 208 32.84 38.25 40.44
C LYS A 208 33.37 38.77 39.15
N TRP A 209 34.20 37.97 38.47
CA TRP A 209 34.72 38.44 37.19
C TRP A 209 33.66 38.38 36.09
N TYR A 210 32.54 37.68 36.32
CA TYR A 210 31.53 37.59 35.27
C TYR A 210 30.51 38.69 35.49
N ASN A 211 30.32 39.55 34.49
CA ASN A 211 29.42 40.70 34.59
C ASN A 211 28.30 40.63 33.58
N GLY A 212 27.86 39.43 33.24
CA GLY A 212 26.82 39.34 32.24
C GLY A 212 25.56 38.85 32.84
N PRO A 213 24.56 38.61 32.00
CA PRO A 213 23.27 38.11 32.43
C PRO A 213 23.40 36.66 32.92
N THR A 214 22.45 36.33 33.77
CA THR A 214 22.18 35.02 34.36
C THR A 214 21.55 34.18 33.21
N LEU A 215 21.53 32.86 33.33
CA LEU A 215 20.93 32.03 32.28
C LEU A 215 19.42 32.36 32.12
N GLU A 216 18.71 32.52 33.26
CA GLU A 216 17.27 32.86 33.20
C GLU A 216 17.13 34.20 32.51
N GLU A 217 18.01 35.16 32.79
CA GLU A 217 17.92 36.46 32.13
C GLU A 217 18.17 36.29 30.61
N TYR A 218 19.07 35.38 30.22
CA TYR A 218 19.26 35.16 28.78
C TYR A 218 17.99 34.53 28.15
N LEU A 219 17.34 33.66 28.87
CA LEU A 219 16.10 33.05 28.38
C LEU A 219 15.03 34.16 28.14
N ASP A 220 15.03 35.17 29.02
CA ASP A 220 14.06 36.23 28.88
C ASP A 220 14.48 37.20 27.74
N GLN A 221 15.71 37.08 27.27
CA GLN A 221 16.16 37.90 26.13
C GLN A 221 15.83 37.19 24.79
N LEU A 222 15.34 35.93 24.83
CA LEU A 222 15.07 35.20 23.58
C LEU A 222 14.05 35.97 22.75
N GLU A 223 14.25 35.93 21.44
CA GLU A 223 13.36 36.62 20.51
C GLU A 223 12.42 35.59 19.90
N LEU A 224 11.15 35.94 19.75
CA LEU A 224 10.18 35.02 19.17
C LEU A 224 10.42 35.07 17.67
N PRO A 225 10.12 33.98 16.94
CA PRO A 225 10.34 33.98 15.48
C PRO A 225 9.41 34.94 14.71
N PRO A 226 9.70 35.21 13.43
CA PRO A 226 8.82 36.12 12.70
C PRO A 226 7.39 35.57 12.60
N LYS A 227 6.42 36.47 12.67
CA LYS A 227 5.01 36.07 12.57
C LYS A 227 4.64 35.92 11.09
N PRO A 228 3.78 34.95 10.74
CA PRO A 228 3.38 34.78 9.33
C PRO A 228 3.00 36.11 8.63
N VAL A 229 2.30 37.00 9.32
CA VAL A 229 1.87 38.28 8.69
C VAL A 229 3.06 39.12 8.19
N ASP A 230 4.22 38.97 8.83
CA ASP A 230 5.38 39.73 8.38
C ASP A 230 6.27 39.04 7.35
N LYS A 231 5.93 37.80 6.99
CA LYS A 231 6.69 37.02 6.01
C LYS A 231 6.03 37.31 4.64
N PRO A 232 6.72 36.93 3.54
CA PRO A 232 6.13 37.17 2.21
C PRO A 232 4.81 36.47 2.03
N LEU A 233 3.93 37.09 1.24
CA LEU A 233 2.65 36.50 0.95
C LEU A 233 2.73 35.10 0.30
N ARG A 234 1.90 34.19 0.82
CA ARG A 234 1.73 32.83 0.22
C ARG A 234 0.25 32.51 0.42
N ILE A 235 -0.41 32.13 -0.66
CA ILE A 235 -1.80 31.69 -0.61
C ILE A 235 -1.96 30.44 -1.46
N PRO A 236 -1.99 29.24 -0.85
CA PRO A 236 -2.17 28.01 -1.63
C PRO A 236 -3.60 28.05 -2.14
N ILE A 237 -3.79 27.74 -3.41
CA ILE A 237 -5.13 27.81 -4.02
C ILE A 237 -5.89 26.49 -3.79
N GLN A 238 -7.14 26.59 -3.31
CA GLN A 238 -7.99 25.43 -3.05
C GLN A 238 -9.01 25.22 -4.17
N ASP A 239 -9.52 26.30 -4.77
CA ASP A 239 -10.50 26.20 -5.88
C ASP A 239 -10.45 27.47 -6.70
N VAL A 240 -10.99 27.42 -7.91
CA VAL A 240 -11.00 28.60 -8.71
C VAL A 240 -12.31 28.55 -9.47
N TYR A 241 -13.01 29.68 -9.48
CA TYR A 241 -14.30 29.76 -10.18
C TYR A 241 -14.30 30.90 -11.17
N SER A 242 -15.24 30.85 -12.11
CA SER A 242 -15.35 31.91 -13.12
C SER A 242 -16.77 32.41 -12.92
N ILE A 243 -16.90 33.69 -12.56
CA ILE A 243 -18.19 34.31 -12.29
C ILE A 243 -18.55 35.31 -13.39
N SER A 244 -19.52 34.96 -14.23
CA SER A 244 -19.93 35.81 -15.35
C SER A 244 -20.06 37.31 -15.07
N GLY A 245 -19.32 38.13 -15.81
CA GLY A 245 -19.36 39.57 -15.59
C GLY A 245 -18.52 40.08 -14.42
N VAL A 246 -18.06 39.15 -13.57
CA VAL A 246 -17.21 39.43 -12.39
C VAL A 246 -15.77 39.08 -12.81
N GLY A 247 -15.59 37.83 -13.22
CA GLY A 247 -14.28 37.35 -13.64
C GLY A 247 -13.79 36.09 -12.91
N THR A 248 -12.47 35.92 -12.88
CA THR A 248 -11.85 34.75 -12.25
C THR A 248 -11.75 34.93 -10.76
N VAL A 249 -12.20 33.92 -10.03
CA VAL A 249 -12.18 34.02 -8.57
C VAL A 249 -11.53 32.80 -7.87
N PRO A 250 -10.22 32.90 -7.62
CA PRO A 250 -9.54 31.79 -6.91
C PRO A 250 -9.97 31.86 -5.46
N VAL A 251 -9.83 30.75 -4.75
CA VAL A 251 -10.15 30.71 -3.34
C VAL A 251 -9.02 29.97 -2.64
N GLY A 252 -8.61 30.50 -1.48
CA GLY A 252 -7.56 29.85 -0.70
C GLY A 252 -7.37 30.55 0.63
N ARG A 253 -6.56 29.92 1.50
CA ARG A 253 -6.32 30.53 2.79
C ARG A 253 -4.98 31.22 2.86
N VAL A 254 -4.96 32.46 3.37
CA VAL A 254 -3.69 33.15 3.45
C VAL A 254 -2.85 32.47 4.51
N GLU A 255 -1.64 32.03 4.16
CA GLU A 255 -0.77 31.35 5.12
C GLU A 255 0.34 32.24 5.66
N SER A 256 0.70 33.26 4.89
CA SER A 256 1.70 34.20 5.32
C SER A 256 1.49 35.52 4.53
N GLY A 257 1.94 36.63 5.09
CA GLY A 257 1.77 37.89 4.38
C GLY A 257 0.36 38.48 4.45
N VAL A 258 0.16 39.53 3.63
CA VAL A 258 -1.11 40.27 3.58
C VAL A 258 -1.46 40.55 2.13
N LEU A 259 -2.70 40.30 1.78
CA LEU A 259 -3.19 40.54 0.42
C LEU A 259 -4.09 41.77 0.53
N LYS A 260 -3.95 42.70 -0.41
CA LYS A 260 -4.79 43.89 -0.34
C LYS A 260 -5.36 44.17 -1.72
N VAL A 261 -6.59 44.69 -1.76
CA VAL A 261 -7.25 45.05 -3.00
C VAL A 261 -6.32 46.03 -3.68
N GLY A 262 -6.06 45.83 -4.97
CA GLY A 262 -5.14 46.69 -5.69
C GLY A 262 -3.76 46.05 -5.87
N ASP A 263 -3.44 45.03 -5.04
CA ASP A 263 -2.14 44.37 -5.20
C ASP A 263 -1.95 43.63 -6.51
N LYS A 264 -0.75 43.65 -7.04
CA LYS A 264 -0.42 42.83 -8.18
C LYS A 264 0.00 41.48 -7.50
N ILE A 265 -0.37 40.35 -8.09
CA ILE A 265 0.04 39.08 -7.53
C ILE A 265 0.46 38.20 -8.63
N VAL A 266 1.22 37.16 -8.27
CA VAL A 266 1.65 36.17 -9.26
C VAL A 266 1.21 34.75 -8.89
N PHE A 267 0.72 34.02 -9.88
CA PHE A 267 0.32 32.62 -9.72
C PHE A 267 1.44 31.69 -10.16
N MET A 268 1.89 30.81 -9.25
CA MET A 268 2.92 29.85 -9.64
C MET A 268 2.21 28.51 -9.55
N PRO A 269 2.70 27.51 -10.27
CA PRO A 269 3.87 27.48 -11.17
C PRO A 269 3.81 28.23 -12.52
N ALA A 270 2.63 28.64 -12.98
CA ALA A 270 2.50 29.29 -14.31
C ALA A 270 3.22 30.63 -14.49
N GLY A 271 3.43 31.33 -13.39
CA GLY A 271 4.08 32.61 -13.43
C GLY A 271 3.23 33.75 -14.00
N LYS A 272 1.92 33.62 -13.89
CA LYS A 272 1.01 34.66 -14.41
C LYS A 272 0.78 35.77 -13.40
N VAL A 273 0.76 37.01 -13.87
CA VAL A 273 0.53 38.16 -12.99
C VAL A 273 -0.87 38.73 -13.22
N GLY A 274 -1.52 39.14 -12.14
CA GLY A 274 -2.87 39.69 -12.23
C GLY A 274 -3.01 40.72 -11.12
N GLU A 275 -4.16 41.39 -11.03
CA GLU A 275 -4.37 42.38 -10.01
C GLU A 275 -5.59 42.00 -9.21
N VAL A 276 -5.53 42.16 -7.90
CA VAL A 276 -6.67 41.80 -7.03
C VAL A 276 -7.70 42.92 -7.08
N ARG A 277 -8.92 42.61 -7.53
CA ARG A 277 -9.99 43.61 -7.62
C ARG A 277 -10.91 43.62 -6.38
N SER A 278 -11.07 42.45 -5.73
CA SER A 278 -11.88 42.36 -4.49
C SER A 278 -11.44 41.14 -3.72
N ILE A 279 -11.83 41.13 -2.46
CA ILE A 279 -11.54 40.05 -1.54
C ILE A 279 -12.78 39.84 -0.66
N GLU A 280 -13.17 38.58 -0.47
CA GLU A 280 -14.24 38.35 0.47
C GLU A 280 -14.05 37.07 1.26
N THR A 281 -14.57 37.08 2.48
CA THR A 281 -14.57 35.93 3.34
C THR A 281 -15.98 35.88 3.90
N HIS A 282 -16.64 34.75 3.81
CA HIS A 282 -17.97 34.64 4.40
C HIS A 282 -18.91 35.60 3.71
N HIS A 283 -18.87 35.64 2.39
CA HIS A 283 -19.77 36.51 1.66
C HIS A 283 -19.74 37.91 2.19
N THR A 284 -18.57 38.40 2.57
CA THR A 284 -18.43 39.78 3.06
C THR A 284 -17.18 40.39 2.43
N LYS A 285 -17.34 41.46 1.66
CA LYS A 285 -16.17 42.09 1.06
C LYS A 285 -15.24 42.68 2.12
N MET A 286 -13.92 42.61 1.89
CA MET A 286 -12.89 43.12 2.81
C MET A 286 -11.87 43.87 1.98
N ASP A 287 -11.16 44.82 2.60
CA ASP A 287 -10.11 45.49 1.86
C ASP A 287 -8.78 44.73 1.90
N LYS A 288 -8.59 43.93 2.94
CA LYS A 288 -7.32 43.20 3.13
C LYS A 288 -7.53 41.81 3.78
N ALA A 289 -6.65 40.85 3.48
CA ALA A 289 -6.77 39.51 4.06
C ALA A 289 -5.44 39.22 4.77
N GLU A 290 -5.47 38.61 5.96
CA GLU A 290 -4.23 38.32 6.70
C GLU A 290 -4.13 36.82 6.95
N PRO A 291 -2.99 36.34 7.46
CA PRO A 291 -2.88 34.89 7.69
C PRO A 291 -4.05 34.26 8.45
N GLY A 292 -4.57 33.15 7.93
CA GLY A 292 -5.68 32.47 8.59
C GLY A 292 -6.99 32.76 7.87
N ASP A 293 -7.03 33.85 7.11
CA ASP A 293 -8.25 34.22 6.39
C ASP A 293 -8.47 33.39 5.15
N ASN A 294 -9.58 32.68 5.08
CA ASN A 294 -9.94 31.85 3.94
C ASN A 294 -10.72 32.79 3.06
N ILE A 295 -10.20 33.07 1.87
CA ILE A 295 -10.85 34.07 1.01
C ILE A 295 -11.06 33.70 -0.47
N GLY A 296 -11.97 34.44 -1.11
CA GLY A 296 -12.22 34.34 -2.52
C GLY A 296 -11.68 35.73 -2.95
N PHE A 297 -10.98 35.82 -4.06
CA PHE A 297 -10.50 37.11 -4.44
C PHE A 297 -10.62 37.20 -5.96
N ASN A 298 -11.17 38.31 -6.44
CA ASN A 298 -11.31 38.47 -7.87
C ASN A 298 -10.01 39.04 -8.43
N VAL A 299 -9.46 38.31 -9.38
CA VAL A 299 -8.21 38.70 -9.99
C VAL A 299 -8.39 39.07 -11.46
N ARG A 300 -7.93 40.25 -11.83
CA ARG A 300 -8.01 40.66 -13.22
C ARG A 300 -6.72 40.33 -13.92
N GLY A 301 -6.86 39.85 -15.14
CA GLY A 301 -5.69 39.57 -15.95
C GLY A 301 -5.18 38.16 -16.03
N VAL A 302 -5.82 37.20 -15.37
CA VAL A 302 -5.33 35.84 -15.44
C VAL A 302 -6.39 34.86 -15.91
N GLU A 303 -5.98 34.03 -16.87
CA GLU A 303 -6.87 33.03 -17.42
C GLU A 303 -7.00 31.89 -16.41
N LYS A 304 -8.24 31.56 -16.10
CA LYS A 304 -8.56 30.48 -15.19
C LYS A 304 -7.80 29.17 -15.51
N LYS A 305 -7.36 29.05 -16.76
CA LYS A 305 -6.63 27.89 -17.27
C LYS A 305 -5.18 27.92 -16.76
N ASP A 306 -4.78 29.05 -16.19
CA ASP A 306 -3.44 29.15 -15.60
C ASP A 306 -3.59 29.07 -14.06
N ILE A 307 -4.77 28.72 -13.56
CA ILE A 307 -5.00 28.59 -12.10
C ILE A 307 -5.66 27.27 -11.73
N LYS A 308 -5.02 26.53 -10.82
CA LYS A 308 -5.56 25.28 -10.39
C LYS A 308 -5.33 25.06 -8.90
N ARG A 309 -6.12 24.15 -8.33
CA ARG A 309 -5.94 23.74 -6.95
C ARG A 309 -4.47 23.27 -6.82
N GLY A 310 -3.79 23.70 -5.76
CA GLY A 310 -2.39 23.29 -5.60
C GLY A 310 -1.44 24.37 -6.00
N ASP A 311 -1.89 25.28 -6.87
CA ASP A 311 -1.04 26.39 -7.26
C ASP A 311 -0.91 27.32 -6.04
N VAL A 312 0.04 28.25 -6.08
CA VAL A 312 0.25 29.14 -4.95
C VAL A 312 0.42 30.58 -5.41
N VAL A 313 -0.23 31.49 -4.70
CA VAL A 313 -0.12 32.92 -4.99
C VAL A 313 0.87 33.64 -4.08
N GLY A 314 1.59 34.62 -4.62
CA GLY A 314 2.49 35.42 -3.83
C GLY A 314 2.53 36.78 -4.53
N HIS A 315 3.33 37.70 -4.00
CA HIS A 315 3.51 39.02 -4.62
C HIS A 315 4.70 38.83 -5.61
N PRO A 316 4.71 39.59 -6.72
CA PRO A 316 5.80 39.46 -7.73
C PRO A 316 7.26 39.57 -7.22
N ASN A 317 7.49 40.35 -6.17
CA ASN A 317 8.84 40.46 -5.67
C ASN A 317 9.33 39.22 -4.93
N ASN A 318 8.40 38.42 -4.45
CA ASN A 318 8.74 37.20 -3.70
C ASN A 318 7.82 36.08 -4.21
N PRO A 319 8.03 35.63 -5.45
CA PRO A 319 7.16 34.57 -5.96
C PRO A 319 7.32 33.25 -5.22
N PRO A 320 6.24 32.50 -5.08
CA PRO A 320 6.32 31.19 -4.39
C PRO A 320 7.37 30.34 -5.11
N THR A 321 8.16 29.60 -4.35
CA THR A 321 9.18 28.74 -4.98
C THR A 321 8.56 27.56 -5.76
N VAL A 322 9.17 27.15 -6.88
CA VAL A 322 8.66 26.00 -7.67
C VAL A 322 9.85 25.06 -7.69
N ALA A 323 9.62 23.81 -7.29
CA ALA A 323 10.69 22.86 -7.17
C ALA A 323 10.93 21.93 -8.39
N ASP A 324 12.17 21.97 -8.86
CA ASP A 324 12.66 21.10 -9.93
C ASP A 324 12.97 19.82 -9.14
N GLU A 325 13.53 20.01 -7.94
CA GLU A 325 13.87 18.92 -7.01
C GLU A 325 13.84 19.46 -5.59
N PHE A 326 13.58 18.60 -4.61
CA PHE A 326 13.71 19.08 -3.25
C PHE A 326 14.22 17.94 -2.36
N THR A 327 14.82 18.30 -1.24
CA THR A 327 15.39 17.38 -0.26
C THR A 327 14.53 17.45 1.00
N ALA A 328 14.24 16.30 1.58
CA ALA A 328 13.41 16.28 2.78
C ALA A 328 13.94 15.33 3.78
N ARG A 329 13.58 15.52 5.05
CA ARG A 329 13.90 14.55 6.11
C ARG A 329 12.55 13.88 6.29
N ILE A 330 12.50 12.56 6.16
CA ILE A 330 11.22 11.86 6.29
C ILE A 330 11.23 10.73 7.28
N ILE A 331 10.03 10.37 7.73
CA ILE A 331 9.80 9.21 8.56
C ILE A 331 8.91 8.31 7.64
N VAL A 332 9.26 7.02 7.54
CA VAL A 332 8.42 6.11 6.76
C VAL A 332 7.50 5.51 7.82
N VAL A 333 6.27 6.01 7.89
CA VAL A 333 5.37 5.49 8.90
C VAL A 333 4.70 4.12 8.52
N TRP A 334 4.56 3.84 7.22
CA TRP A 334 3.87 2.60 6.81
C TRP A 334 4.33 2.18 5.43
N HIS A 335 4.85 0.95 5.33
CA HIS A 335 5.20 0.40 4.02
C HIS A 335 5.27 -1.13 4.27
N PRO A 336 4.52 -1.91 3.47
CA PRO A 336 4.47 -3.36 3.63
C PRO A 336 5.74 -4.09 3.26
N THR A 337 6.57 -3.49 2.39
CA THR A 337 7.81 -4.22 1.99
C THR A 337 9.00 -3.33 2.11
N ALA A 338 9.46 -2.69 1.03
CA ALA A 338 10.55 -1.74 1.09
C ALA A 338 10.40 -0.76 -0.04
N LEU A 339 10.92 0.43 0.13
CA LEU A 339 10.81 1.47 -0.89
C LEU A 339 12.22 1.75 -1.43
N ALA A 340 12.32 1.97 -2.71
CA ALA A 340 13.61 2.29 -3.36
C ALA A 340 13.55 3.53 -4.21
N ASN A 341 14.73 3.96 -4.69
CA ASN A 341 14.83 5.03 -5.64
C ASN A 341 13.86 4.75 -6.76
N GLY A 342 13.17 5.77 -7.27
CA GLY A 342 12.19 5.56 -8.32
C GLY A 342 10.75 5.42 -7.79
N TYR A 343 10.59 5.13 -6.51
CA TYR A 343 9.26 5.04 -5.90
C TYR A 343 8.60 6.42 -6.13
N THR A 344 7.33 6.38 -6.55
CA THR A 344 6.62 7.58 -6.95
C THR A 344 5.23 7.65 -6.29
N PRO A 345 5.19 7.98 -5.01
CA PRO A 345 3.89 8.08 -4.34
C PRO A 345 3.29 9.44 -4.64
N VAL A 346 2.09 9.68 -4.15
CA VAL A 346 1.47 11.00 -4.34
C VAL A 346 1.84 11.78 -3.10
N LEU A 347 2.31 13.01 -3.26
CA LEU A 347 2.62 13.83 -2.09
C LEU A 347 1.54 14.84 -1.87
N HIS A 348 1.11 15.00 -0.62
CA HIS A 348 0.11 16.03 -0.31
C HIS A 348 0.89 17.11 0.45
N VAL A 349 0.90 18.32 -0.06
CA VAL A 349 1.62 19.42 0.61
C VAL A 349 0.73 20.64 0.39
N HIS A 350 0.48 21.39 1.46
CA HIS A 350 -0.46 22.55 1.46
C HIS A 350 -1.71 22.08 0.65
N THR A 351 -2.16 22.74 -0.40
CA THR A 351 -3.36 22.24 -1.11
C THR A 351 -3.12 21.30 -2.30
N ALA A 352 -1.85 21.06 -2.59
CA ALA A 352 -1.46 20.26 -3.75
C ALA A 352 -1.38 18.74 -3.48
N SER A 353 -1.61 17.95 -4.54
CA SER A 353 -1.56 16.50 -4.44
C SER A 353 -0.88 16.12 -5.78
N VAL A 354 0.41 15.83 -5.73
CA VAL A 354 1.23 15.58 -6.95
C VAL A 354 2.14 14.38 -6.74
N ALA A 355 2.26 13.56 -7.75
CA ALA A 355 3.13 12.41 -7.67
C ALA A 355 4.57 12.98 -7.72
N CYS A 356 5.46 12.48 -6.87
CA CYS A 356 6.86 12.93 -6.83
C CYS A 356 7.72 11.67 -6.81
N ARG A 357 8.70 11.63 -7.71
CA ARG A 357 9.56 10.48 -7.77
C ARG A 357 10.71 10.61 -6.75
N VAL A 358 10.94 9.57 -5.96
CA VAL A 358 12.09 9.50 -5.03
C VAL A 358 13.30 9.47 -6.00
N SER A 359 14.18 10.45 -5.93
CA SER A 359 15.29 10.50 -6.87
C SER A 359 16.61 10.12 -6.26
N GLU A 360 16.65 10.10 -4.93
CA GLU A 360 17.86 9.69 -4.23
C GLU A 360 17.56 9.40 -2.79
N LEU A 361 18.08 8.30 -2.29
CA LEU A 361 17.98 8.01 -0.89
C LEU A 361 19.37 8.51 -0.42
N VAL A 362 19.42 9.72 0.13
CA VAL A 362 20.70 10.29 0.54
C VAL A 362 21.37 9.59 1.71
N SER A 363 20.62 9.37 2.77
CA SER A 363 21.15 8.68 3.92
C SER A 363 20.04 8.31 4.88
N LYS A 364 20.24 7.28 5.66
CA LYS A 364 19.29 7.00 6.74
C LYS A 364 19.84 7.78 7.93
N LEU A 365 18.97 8.18 8.87
CA LEU A 365 19.40 8.90 10.08
C LEU A 365 19.19 7.98 11.30
N ASP A 366 19.91 8.26 12.38
CA ASP A 366 19.75 7.55 13.60
C ASP A 366 18.46 8.18 14.14
N PRO A 367 17.44 7.35 14.40
CA PRO A 367 16.14 7.81 14.89
C PRO A 367 16.15 8.52 16.24
N ARG A 368 17.15 8.21 17.06
CA ARG A 368 17.24 8.87 18.35
C ARG A 368 18.04 10.17 18.32
N THR A 369 18.91 10.33 17.34
CA THR A 369 19.78 11.51 17.37
C THR A 369 19.73 12.45 16.20
N GLY A 370 19.38 11.94 15.02
CA GLY A 370 19.38 12.82 13.88
C GLY A 370 20.68 12.74 13.11
N GLN A 371 21.69 12.05 13.62
CA GLN A 371 22.92 12.03 12.81
C GLN A 371 22.84 10.94 11.73
N GLU A 372 23.66 11.09 10.69
CA GLU A 372 23.72 10.12 9.55
C GLU A 372 24.10 8.76 10.07
N ALA A 373 23.52 7.69 9.51
CA ALA A 373 23.78 6.30 9.97
C ALA A 373 24.21 5.34 8.86
N GLU A 374 23.69 5.56 7.67
CA GLU A 374 24.08 4.75 6.53
C GLU A 374 23.94 5.66 5.34
N LYS A 375 25.02 5.88 4.61
CA LYS A 375 24.95 6.73 3.44
C LYS A 375 24.43 5.98 2.20
N ASN A 376 23.60 6.60 1.39
CA ASN A 376 23.10 5.94 0.18
C ASN A 376 22.55 4.52 0.39
N PRO A 377 21.54 4.38 1.26
CA PRO A 377 20.97 3.05 1.49
C PRO A 377 20.25 2.63 0.23
N GLN A 378 20.18 1.31 -0.02
CA GLN A 378 19.51 0.81 -1.21
C GLN A 378 18.01 0.93 -1.10
N PHE A 379 17.55 0.80 0.13
CA PHE A 379 16.14 0.86 0.40
C PHE A 379 15.83 1.44 1.78
N LEU A 380 14.57 1.88 1.97
CA LEU A 380 14.11 2.27 3.29
C LEU A 380 12.97 1.31 3.62
N LYS A 381 12.76 1.08 4.88
CA LYS A 381 11.67 0.23 5.31
C LYS A 381 10.88 1.03 6.36
N GLN A 382 9.74 0.49 6.71
CA GLN A 382 8.88 1.13 7.72
C GLN A 382 9.67 1.40 9.00
N GLY A 383 9.53 2.62 9.54
CA GLY A 383 10.25 2.99 10.75
C GLY A 383 11.53 3.78 10.47
N ASP A 384 12.06 3.65 9.25
CA ASP A 384 13.27 4.39 8.95
C ASP A 384 13.06 5.93 8.85
N VAL A 385 14.12 6.65 9.24
CA VAL A 385 14.14 8.09 9.09
C VAL A 385 15.27 8.34 8.12
N ALA A 386 15.06 9.24 7.17
CA ALA A 386 16.07 9.45 6.17
C ALA A 386 16.03 10.81 5.53
N ILE A 387 17.07 11.14 4.80
CA ILE A 387 17.13 12.37 4.00
C ILE A 387 16.93 11.80 2.59
N VAL A 388 15.99 12.35 1.83
CA VAL A 388 15.62 11.82 0.52
C VAL A 388 15.35 12.99 -0.43
N LYS A 389 15.63 12.79 -1.72
CA LYS A 389 15.36 13.83 -2.70
C LYS A 389 14.19 13.33 -3.51
N PHE A 390 13.38 14.29 -3.95
CA PHE A 390 12.15 14.05 -4.73
C PHE A 390 12.17 14.98 -5.93
N LYS A 391 11.67 14.45 -7.04
CA LYS A 391 11.51 15.19 -8.32
C LYS A 391 10.02 15.08 -8.67
N PRO A 392 9.25 16.18 -8.50
CA PRO A 392 7.78 16.24 -8.81
C PRO A 392 7.60 15.88 -10.30
N ILE A 393 6.56 15.11 -10.63
CA ILE A 393 6.35 14.73 -12.03
C ILE A 393 5.89 15.94 -12.86
N LYS A 394 5.36 16.95 -12.18
CA LYS A 394 4.93 18.15 -12.87
C LYS A 394 5.31 19.28 -11.90
N PRO A 395 5.40 20.52 -12.38
CA PRO A 395 5.79 21.67 -11.54
C PRO A 395 4.96 21.76 -10.25
N LEU A 396 5.70 21.88 -9.16
CA LEU A 396 5.12 21.88 -7.80
C LEU A 396 5.67 22.98 -6.94
N CYS A 397 4.78 23.76 -6.36
CA CYS A 397 5.24 24.79 -5.45
C CYS A 397 5.46 24.20 -4.06
N VAL A 398 6.64 24.36 -3.48
CA VAL A 398 6.89 23.94 -2.09
C VAL A 398 7.90 24.93 -1.50
N GLU A 399 8.06 24.91 -0.18
CA GLU A 399 9.04 25.81 0.43
C GLU A 399 9.78 25.03 1.50
N LYS A 400 10.94 25.54 1.91
CA LYS A 400 11.62 24.89 3.03
C LYS A 400 10.73 25.09 4.24
N TYR A 401 10.62 24.03 5.05
CA TYR A 401 9.81 24.07 6.26
C TYR A 401 10.24 25.20 7.16
N ASN A 402 11.55 25.43 7.27
CA ASN A 402 11.94 26.51 8.20
C ASN A 402 11.72 27.94 7.65
N GLU A 403 11.18 28.07 6.45
CA GLU A 403 10.90 29.38 5.87
C GLU A 403 9.37 29.63 5.83
N PHE A 404 8.62 28.64 5.32
CA PHE A 404 7.16 28.76 5.32
C PHE A 404 6.65 27.37 5.74
N PRO A 405 6.45 27.14 7.05
CA PRO A 405 5.97 25.81 7.51
C PRO A 405 4.78 25.22 6.86
N PRO A 406 3.74 26.03 6.62
CA PRO A 406 2.53 25.47 5.97
C PRO A 406 2.79 24.91 4.55
N LEU A 407 3.90 25.29 3.90
CA LEU A 407 4.16 24.80 2.57
C LEU A 407 5.38 23.87 2.53
N GLY A 408 5.87 23.48 3.71
CA GLY A 408 7.09 22.66 3.77
C GLY A 408 7.00 21.35 4.50
N ARG A 409 5.79 20.96 4.94
CA ARG A 409 5.64 19.61 5.56
C ARG A 409 4.65 18.84 4.62
N PHE A 410 4.92 17.57 4.32
CA PHE A 410 4.05 16.84 3.38
C PHE A 410 3.81 15.43 3.85
N ALA A 411 2.79 14.79 3.27
CA ALA A 411 2.52 13.38 3.55
C ALA A 411 2.69 12.65 2.24
N MET A 412 3.30 11.47 2.33
CA MET A 412 3.45 10.64 1.12
C MET A 412 2.30 9.67 1.24
N ARG A 413 1.48 9.59 0.17
CA ARG A 413 0.31 8.73 0.27
C ARG A 413 0.38 7.60 -0.77
N ASP A 414 -0.14 6.46 -0.42
CA ASP A 414 -0.21 5.36 -1.40
C ASP A 414 -1.27 4.39 -0.91
N MET A 415 -2.10 3.86 -1.83
CA MET A 415 -3.14 2.94 -1.43
C MET A 415 -4.07 3.46 -0.30
N GLY A 416 -4.33 4.76 -0.28
CA GLY A 416 -5.21 5.29 0.76
C GLY A 416 -4.56 5.39 2.12
N LYS A 417 -3.25 5.26 2.19
CA LYS A 417 -2.59 5.31 3.51
C LYS A 417 -1.46 6.34 3.49
N THR A 418 -1.08 6.83 4.66
CA THR A 418 0.06 7.71 4.72
C THR A 418 1.31 6.81 4.88
N VAL A 419 2.12 6.78 3.84
CA VAL A 419 3.36 6.00 3.82
C VAL A 419 4.44 6.75 4.59
N GLY A 420 4.42 8.07 4.51
CA GLY A 420 5.43 8.77 5.28
C GLY A 420 5.10 10.24 5.44
N VAL A 421 5.83 10.92 6.30
CA VAL A 421 5.66 12.36 6.50
C VAL A 421 7.05 12.95 6.37
N GLY A 422 7.16 14.18 5.80
CA GLY A 422 8.49 14.76 5.64
C GLY A 422 8.47 16.27 5.77
N ILE A 423 9.63 16.83 6.14
CA ILE A 423 9.79 18.28 6.15
C ILE A 423 10.84 18.59 5.08
N ILE A 424 10.61 19.65 4.33
CA ILE A 424 11.52 20.00 3.25
C ILE A 424 12.67 20.83 3.80
N VAL A 425 13.87 20.42 3.46
CA VAL A 425 15.04 21.13 3.94
C VAL A 425 15.88 21.83 2.82
N ASP A 426 15.54 21.58 1.56
CA ASP A 426 16.27 22.23 0.49
C ASP A 426 15.46 22.14 -0.73
N VAL A 427 15.47 23.21 -1.53
CA VAL A 427 14.73 23.17 -2.81
C VAL A 427 15.64 23.63 -3.95
N LYS A 428 15.65 22.86 -5.02
CA LYS A 428 16.39 23.24 -6.25
C LYS A 428 15.26 23.89 -7.05
N PRO A 429 15.22 25.21 -7.11
CA PRO A 429 14.15 25.93 -7.84
C PRO A 429 14.06 25.65 -9.34
N ALA A 430 12.85 25.63 -9.89
CA ALA A 430 12.73 25.37 -11.32
C ALA A 430 13.10 26.67 -12.05
N LYS B 4 -4.12 -46.15 -13.10
CA LYS B 4 -5.28 -45.32 -13.46
C LYS B 4 -4.98 -43.83 -13.30
N PRO B 5 -5.33 -43.00 -14.29
CA PRO B 5 -5.07 -41.55 -14.21
C PRO B 5 -5.93 -40.95 -13.08
N HIS B 6 -5.51 -39.80 -12.54
CA HIS B 6 -6.29 -39.15 -11.51
C HIS B 6 -6.87 -37.86 -12.08
N LEU B 7 -8.16 -37.60 -11.84
CA LEU B 7 -8.82 -36.38 -12.30
C LEU B 7 -9.49 -35.67 -11.12
N ASN B 8 -9.53 -34.35 -11.18
CA ASN B 8 -10.21 -33.58 -10.12
C ASN B 8 -11.56 -33.13 -10.69
N LEU B 9 -12.55 -33.14 -9.83
CA LEU B 9 -13.88 -32.73 -10.20
C LEU B 9 -14.37 -31.67 -9.19
N ILE B 10 -15.20 -30.75 -9.67
CA ILE B 10 -15.88 -29.88 -8.70
C ILE B 10 -17.35 -30.31 -8.93
N VAL B 11 -18.18 -30.13 -7.91
CA VAL B 11 -19.58 -30.48 -8.09
C VAL B 11 -20.26 -29.14 -7.83
N ILE B 12 -21.10 -28.73 -8.77
CA ILE B 12 -21.78 -27.45 -8.69
C ILE B 12 -23.32 -27.62 -8.72
N GLY B 13 -24.04 -26.52 -8.44
CA GLY B 13 -25.49 -26.55 -8.44
C GLY B 13 -26.06 -25.76 -7.25
N HIS B 14 -27.34 -25.40 -7.35
CA HIS B 14 -28.04 -24.60 -6.34
C HIS B 14 -28.03 -25.22 -4.94
N VAL B 15 -28.02 -24.36 -3.92
CA VAL B 15 -28.02 -24.86 -2.57
C VAL B 15 -29.21 -25.85 -2.38
N ASP B 16 -28.93 -26.98 -1.73
CA ASP B 16 -29.95 -27.99 -1.46
C ASP B 16 -30.42 -28.84 -2.65
N HIS B 17 -29.77 -28.74 -3.79
CA HIS B 17 -30.21 -29.59 -4.88
C HIS B 17 -29.63 -30.99 -4.77
N GLY B 18 -28.76 -31.18 -3.78
CA GLY B 18 -28.17 -32.50 -3.54
C GLY B 18 -26.67 -32.76 -3.81
N LYS B 19 -25.86 -31.70 -3.87
CA LYS B 19 -24.44 -31.87 -4.14
C LYS B 19 -23.70 -32.73 -3.09
N SER B 20 -23.84 -32.38 -1.82
CA SER B 20 -23.13 -33.14 -0.80
C SER B 20 -23.67 -34.56 -0.70
N THR B 21 -24.95 -34.77 -1.04
CA THR B 21 -25.52 -36.10 -0.98
C THR B 21 -24.98 -36.95 -2.09
N LEU B 22 -24.90 -36.38 -3.28
CA LEU B 22 -24.38 -37.14 -4.42
C LEU B 22 -22.91 -37.46 -4.20
N VAL B 23 -22.15 -36.51 -3.66
CA VAL B 23 -20.74 -36.80 -3.39
C VAL B 23 -20.66 -37.91 -2.35
N GLY B 24 -21.45 -37.82 -1.28
CA GLY B 24 -21.43 -38.84 -0.22
C GLY B 24 -21.66 -40.23 -0.79
N ARG B 25 -22.65 -40.33 -1.66
CA ARG B 25 -22.99 -41.61 -2.28
C ARG B 25 -21.82 -42.17 -3.07
N LEU B 26 -21.18 -41.33 -3.87
CA LEU B 26 -20.04 -41.77 -4.67
C LEU B 26 -18.91 -42.27 -3.74
N LEU B 27 -18.65 -41.53 -2.67
CA LEU B 27 -17.59 -41.89 -1.73
C LEU B 27 -17.90 -43.18 -1.00
N MET B 28 -19.16 -43.37 -0.65
CA MET B 28 -19.55 -44.59 0.02
C MET B 28 -19.45 -45.81 -0.88
N ASP B 29 -19.87 -45.65 -2.13
CA ASP B 29 -19.83 -46.78 -3.04
C ASP B 29 -18.49 -47.06 -3.75
N ARG B 30 -17.69 -46.04 -3.98
CA ARG B 30 -16.42 -46.22 -4.72
C ARG B 30 -15.24 -45.63 -4.02
N GLY B 31 -15.45 -45.17 -2.79
CA GLY B 31 -14.40 -44.51 -2.05
C GLY B 31 -13.59 -45.41 -1.18
N PHE B 32 -13.01 -44.77 -0.18
CA PHE B 32 -12.13 -45.43 0.75
C PHE B 32 -12.49 -45.13 2.18
N ILE B 33 -13.78 -45.28 2.48
CA ILE B 33 -14.22 -45.01 3.82
C ILE B 33 -13.60 -45.99 4.77
N ASP B 34 -13.04 -45.38 5.81
CA ASP B 34 -12.34 -46.01 6.91
C ASP B 34 -12.66 -47.45 7.17
N GLU B 35 -13.85 -47.91 6.80
CA GLU B 35 -14.18 -49.30 7.08
C GLU B 35 -14.23 -49.32 8.60
N LYS B 36 -14.87 -50.34 9.19
CA LYS B 36 -15.00 -50.38 10.65
C LYS B 36 -15.79 -49.11 11.08
N THR B 37 -15.66 -48.03 10.28
CA THR B 37 -16.41 -46.78 10.48
C THR B 37 -17.74 -47.12 9.79
N VAL B 38 -17.65 -48.03 8.83
CA VAL B 38 -18.81 -48.50 8.09
C VAL B 38 -19.60 -49.37 9.05
N LYS B 39 -18.89 -50.06 9.95
CA LYS B 39 -19.53 -50.92 10.94
C LYS B 39 -20.24 -50.03 11.94
N GLU B 40 -19.61 -48.91 12.31
CA GLU B 40 -20.22 -47.97 13.22
C GLU B 40 -21.52 -47.46 12.60
N ALA B 41 -21.49 -47.21 11.30
CA ALA B 41 -22.67 -46.72 10.60
C ALA B 41 -23.73 -47.80 10.64
N GLU B 42 -23.30 -49.03 10.42
CA GLU B 42 -24.21 -50.18 10.42
C GLU B 42 -24.87 -50.36 11.77
N GLU B 43 -24.09 -50.15 12.84
CA GLU B 43 -24.58 -50.27 14.21
C GLU B 43 -25.59 -49.17 14.46
N ALA B 44 -25.26 -47.94 14.04
CA ALA B 44 -26.17 -46.84 14.24
C ALA B 44 -27.50 -47.21 13.59
N ALA B 45 -27.43 -47.78 12.39
CA ALA B 45 -28.61 -48.19 11.66
C ALA B 45 -29.36 -49.30 12.41
N LYS B 46 -28.63 -50.13 13.15
CA LYS B 46 -29.19 -51.22 13.95
C LYS B 46 -30.07 -50.64 15.04
N LYS B 47 -29.50 -49.75 15.85
CA LYS B 47 -30.23 -49.10 16.94
C LYS B 47 -31.49 -48.48 16.37
N LEU B 48 -31.33 -47.40 15.62
CA LEU B 48 -32.46 -46.71 15.03
C LEU B 48 -33.41 -47.59 14.25
N GLY B 49 -32.98 -48.80 13.96
CA GLY B 49 -33.83 -49.71 13.21
C GLY B 49 -34.14 -49.24 11.80
N LYS B 50 -33.40 -48.26 11.26
CA LYS B 50 -33.67 -47.80 9.89
C LYS B 50 -32.46 -47.88 8.95
N GLU B 51 -32.69 -48.47 7.78
CA GLU B 51 -31.66 -48.65 6.75
C GLU B 51 -30.92 -47.35 6.48
N SER B 52 -31.70 -46.36 6.06
CA SER B 52 -31.23 -45.03 5.70
C SER B 52 -30.25 -44.37 6.67
N GLU B 53 -30.27 -44.78 7.93
CA GLU B 53 -29.38 -44.20 8.93
C GLU B 53 -27.90 -44.48 8.64
N LYS B 54 -27.59 -45.64 8.06
CA LYS B 54 -26.21 -45.98 7.72
C LYS B 54 -25.61 -44.86 6.81
N PHE B 55 -26.34 -44.51 5.76
CA PHE B 55 -25.89 -43.44 4.85
C PHE B 55 -25.80 -42.08 5.57
N ALA B 56 -26.82 -41.76 6.37
CA ALA B 56 -26.85 -40.49 7.12
C ALA B 56 -25.63 -40.35 8.03
N PHE B 57 -25.25 -41.43 8.71
CA PHE B 57 -24.10 -41.41 9.61
C PHE B 57 -22.82 -41.16 8.82
N LEU B 58 -22.60 -41.96 7.79
CA LEU B 58 -21.42 -41.82 6.94
C LEU B 58 -21.31 -40.42 6.32
N LEU B 59 -22.41 -39.86 5.84
CA LEU B 59 -22.35 -38.54 5.25
C LEU B 59 -21.95 -37.44 6.24
N ASP B 60 -22.44 -37.51 7.47
CA ASP B 60 -22.06 -36.52 8.47
C ASP B 60 -20.62 -36.77 8.92
N ARG B 61 -20.21 -38.04 8.96
CA ARG B 61 -18.84 -38.36 9.37
C ARG B 61 -17.84 -37.84 8.34
N LEU B 62 -18.19 -38.00 7.07
CA LEU B 62 -17.36 -37.53 5.94
C LEU B 62 -17.21 -36.03 6.06
N LYS B 63 -18.33 -35.33 6.28
CA LYS B 63 -18.30 -33.87 6.38
C LYS B 63 -17.49 -33.35 7.56
N GLU B 64 -17.73 -33.92 8.73
CA GLU B 64 -16.98 -33.48 9.89
C GLU B 64 -15.47 -33.70 9.66
N GLU B 65 -15.13 -34.40 8.58
CA GLU B 65 -13.74 -34.66 8.25
C GLU B 65 -13.32 -33.96 6.95
N MET B 77 -12.08 -37.60 0.14
CA MET B 77 -12.90 -37.07 -0.97
C MET B 77 -12.51 -37.74 -2.31
N ARG B 78 -11.82 -38.87 -2.20
CA ARG B 78 -11.33 -39.62 -3.36
C ARG B 78 -12.13 -40.89 -3.58
N PHE B 79 -12.33 -41.28 -4.85
CA PHE B 79 -13.00 -42.53 -5.11
C PHE B 79 -12.41 -43.08 -6.42
N GLU B 80 -12.80 -44.29 -6.76
CA GLU B 80 -12.21 -44.94 -7.91
C GLU B 80 -13.25 -45.56 -8.79
N THR B 81 -13.21 -45.29 -10.08
CA THR B 81 -14.16 -45.91 -10.97
C THR B 81 -13.35 -46.94 -11.81
N LYS B 82 -13.93 -47.46 -12.88
CA LYS B 82 -13.17 -48.45 -13.69
C LYS B 82 -11.91 -47.93 -14.36
N LYS B 83 -11.90 -46.66 -14.76
CA LYS B 83 -10.76 -46.12 -15.45
C LYS B 83 -9.96 -45.05 -14.72
N TYR B 84 -10.55 -44.45 -13.68
CA TYR B 84 -9.86 -43.35 -13.01
C TYR B 84 -9.97 -43.32 -11.52
N PHE B 85 -9.16 -42.44 -10.95
CA PHE B 85 -9.24 -42.12 -9.51
C PHE B 85 -9.74 -40.70 -9.62
N PHE B 86 -10.61 -40.29 -8.72
CA PHE B 86 -11.13 -38.96 -8.76
C PHE B 86 -11.05 -38.39 -7.38
N THR B 87 -10.89 -37.07 -7.34
CA THR B 87 -11.00 -36.35 -6.07
C THR B 87 -12.02 -35.26 -6.27
N ILE B 88 -13.00 -35.15 -5.37
CA ILE B 88 -13.98 -34.06 -5.49
C ILE B 88 -13.27 -32.96 -4.72
N ILE B 89 -12.82 -31.92 -5.42
CA ILE B 89 -12.05 -30.90 -4.72
C ILE B 89 -12.75 -29.67 -4.13
N ASP B 90 -14.03 -29.45 -4.46
CA ASP B 90 -14.66 -28.23 -3.94
C ASP B 90 -16.08 -28.17 -4.49
N ALA B 91 -16.92 -27.32 -3.91
CA ALA B 91 -18.31 -27.15 -4.33
C ALA B 91 -18.76 -25.75 -3.88
N PRO B 92 -19.73 -25.16 -4.55
CA PRO B 92 -20.19 -23.82 -4.12
C PRO B 92 -20.81 -23.97 -2.71
N GLY B 93 -20.72 -22.94 -1.88
CA GLY B 93 -21.27 -23.00 -0.55
C GLY B 93 -20.18 -23.16 0.48
N HIS B 94 -18.97 -23.46 0.03
CA HIS B 94 -17.87 -23.60 0.95
C HIS B 94 -17.11 -22.29 0.96
N ARG B 95 -16.46 -21.99 2.07
CA ARG B 95 -15.72 -20.76 2.10
C ARG B 95 -14.58 -20.90 1.11
N ASP B 96 -14.28 -19.76 0.48
CA ASP B 96 -13.20 -19.65 -0.49
C ASP B 96 -13.47 -20.31 -1.82
N PHE B 97 -14.67 -20.83 -2.02
CA PHE B 97 -14.99 -21.51 -3.28
C PHE B 97 -14.64 -20.67 -4.51
N VAL B 98 -15.15 -19.45 -4.57
CA VAL B 98 -14.87 -18.61 -5.74
C VAL B 98 -13.38 -18.21 -5.83
N LYS B 99 -12.82 -17.78 -4.71
CA LYS B 99 -11.42 -17.43 -4.69
C LYS B 99 -10.55 -18.59 -5.20
N ASN B 100 -10.79 -19.81 -4.72
CA ASN B 100 -9.93 -20.93 -5.13
C ASN B 100 -10.00 -21.23 -6.63
N MET B 101 -11.15 -20.96 -7.25
CA MET B 101 -11.28 -21.18 -8.67
C MET B 101 -10.49 -20.12 -9.38
N ILE B 102 -10.57 -18.88 -8.90
CA ILE B 102 -9.83 -17.82 -9.58
C ILE B 102 -8.30 -18.01 -9.49
N THR B 103 -7.80 -18.32 -8.29
CA THR B 103 -6.36 -18.46 -8.11
C THR B 103 -5.79 -19.73 -8.71
N GLY B 104 -6.65 -20.74 -8.93
CA GLY B 104 -6.18 -22.02 -9.43
C GLY B 104 -5.89 -22.96 -8.26
N ALA B 105 -6.02 -22.48 -7.02
CA ALA B 105 -5.83 -23.36 -5.87
C ALA B 105 -6.79 -24.56 -6.05
N SER B 106 -7.90 -24.36 -6.72
CA SER B 106 -8.81 -25.48 -7.01
C SER B 106 -8.73 -25.65 -8.52
N GLN B 107 -8.05 -26.69 -9.01
CA GLN B 107 -7.94 -26.87 -10.48
C GLN B 107 -8.78 -28.10 -10.84
N ALA B 108 -9.94 -27.92 -11.44
CA ALA B 108 -10.81 -29.04 -11.80
C ALA B 108 -10.60 -29.45 -13.25
N ASP B 109 -10.79 -30.74 -13.53
CA ASP B 109 -10.66 -31.27 -14.91
C ASP B 109 -12.04 -31.47 -15.52
N ALA B 110 -13.07 -31.57 -14.69
CA ALA B 110 -14.43 -31.79 -15.21
C ALA B 110 -15.37 -31.44 -14.09
N ALA B 111 -16.67 -31.36 -14.39
CA ALA B 111 -17.61 -30.97 -13.37
C ALA B 111 -18.91 -31.75 -13.52
N ILE B 112 -19.59 -31.84 -12.39
CA ILE B 112 -20.90 -32.49 -12.28
C ILE B 112 -21.81 -31.36 -11.81
N LEU B 113 -22.87 -31.11 -12.53
CA LEU B 113 -23.82 -30.06 -12.16
C LEU B 113 -25.03 -30.82 -11.56
N VAL B 114 -25.41 -30.51 -10.34
CA VAL B 114 -26.58 -31.20 -9.73
C VAL B 114 -27.77 -30.24 -9.89
N VAL B 115 -28.83 -30.72 -10.55
CA VAL B 115 -30.05 -29.93 -10.77
C VAL B 115 -31.28 -30.69 -10.16
N SER B 116 -31.80 -30.24 -9.02
CA SER B 116 -32.96 -30.91 -8.41
C SER B 116 -34.21 -30.90 -9.30
N ALA B 117 -34.84 -32.06 -9.50
CA ALA B 117 -36.06 -32.12 -10.31
C ALA B 117 -37.34 -31.93 -9.48
N LYS B 118 -37.19 -31.58 -8.20
CA LYS B 118 -38.34 -31.36 -7.34
C LYS B 118 -39.04 -30.07 -7.75
N LYS B 119 -40.36 -30.11 -7.72
CA LYS B 119 -41.15 -28.95 -8.11
C LYS B 119 -40.81 -27.72 -7.28
N GLY B 120 -40.60 -26.60 -7.97
CA GLY B 120 -40.25 -25.35 -7.29
C GLY B 120 -38.74 -25.24 -7.10
N GLU B 121 -38.09 -26.39 -6.90
CA GLU B 121 -36.65 -26.42 -6.70
C GLU B 121 -35.87 -26.21 -7.98
N TYR B 122 -36.26 -26.89 -9.03
CA TYR B 122 -35.61 -26.73 -10.32
C TYR B 122 -35.77 -25.26 -10.75
N GLU B 123 -37.01 -24.80 -10.64
CA GLU B 123 -37.37 -23.44 -11.02
C GLU B 123 -36.54 -22.40 -10.30
N ALA B 124 -36.35 -22.57 -8.99
CA ALA B 124 -35.58 -21.64 -8.15
C ALA B 124 -34.07 -21.59 -8.51
N GLY B 125 -33.53 -22.68 -9.02
CA GLY B 125 -32.13 -22.71 -9.42
C GLY B 125 -31.96 -22.10 -10.80
N MET B 126 -32.88 -22.41 -11.71
CA MET B 126 -32.82 -21.87 -13.08
C MET B 126 -33.41 -20.46 -13.21
N SER B 127 -33.71 -19.89 -12.05
CA SER B 127 -34.30 -18.57 -11.94
C SER B 127 -33.29 -17.47 -12.35
N VAL B 128 -33.73 -16.22 -12.32
CA VAL B 128 -32.84 -15.11 -12.63
C VAL B 128 -32.09 -14.87 -11.31
N GLU B 129 -32.70 -15.30 -10.20
CA GLU B 129 -32.10 -15.17 -8.86
C GLU B 129 -31.64 -16.56 -8.39
N GLY B 130 -31.50 -17.48 -9.36
CA GLY B 130 -31.08 -18.86 -9.08
C GLY B 130 -29.66 -19.25 -9.48
N GLN B 131 -28.96 -19.79 -8.49
CA GLN B 131 -27.58 -20.21 -8.63
C GLN B 131 -27.22 -21.19 -9.75
N THR B 132 -28.18 -21.92 -10.29
CA THR B 132 -27.86 -22.91 -11.32
C THR B 132 -27.20 -22.33 -12.57
N ARG B 133 -27.92 -21.45 -13.26
CA ARG B 133 -27.38 -20.90 -14.49
C ARG B 133 -26.06 -20.21 -14.21
N GLU B 134 -25.89 -19.66 -13.02
CA GLU B 134 -24.67 -18.96 -12.66
C GLU B 134 -23.48 -19.93 -12.50
N HIS B 135 -23.79 -21.17 -12.13
CA HIS B 135 -22.73 -22.16 -11.95
C HIS B 135 -22.38 -22.66 -13.36
N ILE B 136 -23.35 -22.71 -14.26
CA ILE B 136 -23.07 -23.15 -15.62
C ILE B 136 -22.09 -22.18 -16.31
N ILE B 137 -22.24 -20.90 -15.99
CA ILE B 137 -21.38 -19.91 -16.60
C ILE B 137 -20.04 -19.94 -15.88
N LEU B 138 -20.02 -20.25 -14.60
CA LEU B 138 -18.74 -20.32 -13.93
C LEU B 138 -18.03 -21.45 -14.72
N ALA B 139 -18.75 -22.54 -14.97
CA ALA B 139 -18.17 -23.65 -15.73
C ALA B 139 -17.63 -23.16 -17.08
N LYS B 140 -18.44 -22.39 -17.81
CA LYS B 140 -18.00 -21.83 -19.07
C LYS B 140 -16.73 -20.96 -18.83
N THR B 141 -16.76 -20.09 -17.83
CA THR B 141 -15.61 -19.21 -17.61
C THR B 141 -14.31 -19.92 -17.33
N MET B 142 -14.39 -21.10 -16.75
CA MET B 142 -13.22 -21.86 -16.39
C MET B 142 -12.86 -22.89 -17.45
N GLY B 143 -13.56 -22.86 -18.58
CA GLY B 143 -13.28 -23.83 -19.65
C GLY B 143 -13.63 -25.31 -19.29
N LEU B 144 -14.54 -25.51 -18.32
CA LEU B 144 -14.96 -26.86 -17.89
C LEU B 144 -16.02 -27.39 -18.81
N ASP B 145 -15.54 -27.75 -19.98
CA ASP B 145 -16.20 -28.33 -21.14
C ASP B 145 -16.96 -29.67 -20.86
N GLN B 146 -16.28 -30.55 -20.13
CA GLN B 146 -16.84 -31.87 -19.79
C GLN B 146 -17.74 -31.69 -18.58
N LEU B 147 -19.05 -31.64 -18.80
CA LEU B 147 -19.97 -31.43 -17.70
C LEU B 147 -21.04 -32.50 -17.67
N ILE B 148 -21.17 -33.15 -16.52
CA ILE B 148 -22.20 -34.18 -16.36
C ILE B 148 -23.29 -33.55 -15.54
N VAL B 149 -24.49 -33.52 -16.11
CA VAL B 149 -25.60 -32.89 -15.39
C VAL B 149 -26.39 -33.99 -14.71
N ALA B 150 -26.36 -33.97 -13.38
CA ALA B 150 -27.10 -35.00 -12.65
C ALA B 150 -28.44 -34.40 -12.34
N VAL B 151 -29.50 -34.87 -13.01
CA VAL B 151 -30.81 -34.32 -12.67
C VAL B 151 -31.30 -35.21 -11.54
N ASN B 152 -31.25 -34.63 -10.32
CA ASN B 152 -31.53 -35.23 -9.03
C ASN B 152 -32.96 -35.27 -8.48
N LYS B 153 -33.11 -35.91 -7.33
CA LYS B 153 -34.41 -36.05 -6.67
C LYS B 153 -35.45 -36.55 -7.68
N MET B 154 -35.09 -37.49 -8.52
CA MET B 154 -36.07 -38.01 -9.46
C MET B 154 -37.21 -38.75 -8.75
N ASP B 155 -36.94 -39.22 -7.53
CA ASP B 155 -37.94 -39.91 -6.71
C ASP B 155 -38.96 -38.90 -6.14
N LEU B 156 -38.68 -37.60 -6.29
CA LEU B 156 -39.58 -36.57 -5.77
C LEU B 156 -40.39 -35.81 -6.83
N THR B 157 -40.42 -36.32 -8.06
CA THR B 157 -41.19 -35.67 -9.13
C THR B 157 -42.66 -36.13 -9.05
N GLU B 158 -43.55 -35.38 -9.71
CA GLU B 158 -44.99 -35.70 -9.75
C GLU B 158 -45.42 -36.20 -11.13
N PRO B 159 -45.59 -37.52 -11.31
CA PRO B 159 -45.43 -38.66 -10.40
C PRO B 159 -43.93 -39.06 -10.22
N PRO B 160 -43.59 -39.80 -9.14
CA PRO B 160 -42.19 -40.19 -8.94
C PRO B 160 -41.52 -40.75 -10.21
N TYR B 161 -40.23 -40.41 -10.37
CA TYR B 161 -39.42 -40.85 -11.51
C TYR B 161 -40.11 -40.57 -12.86
N ASP B 162 -40.72 -39.38 -12.91
CA ASP B 162 -41.45 -38.82 -14.05
C ASP B 162 -40.52 -38.41 -15.21
N GLU B 163 -40.62 -39.12 -16.34
CA GLU B 163 -39.77 -38.86 -17.51
C GLU B 163 -39.98 -37.52 -18.26
N LYS B 164 -41.16 -36.93 -18.13
CA LYS B 164 -41.40 -35.67 -18.81
C LYS B 164 -40.76 -34.51 -18.04
N ARG B 165 -40.79 -34.57 -16.72
CA ARG B 165 -40.16 -33.53 -15.91
C ARG B 165 -38.67 -33.59 -16.26
N TYR B 166 -38.14 -34.80 -16.40
CA TYR B 166 -36.73 -34.95 -16.76
C TYR B 166 -36.39 -34.38 -18.14
N LYS B 167 -37.10 -34.81 -19.18
CA LYS B 167 -36.82 -34.31 -20.52
C LYS B 167 -36.99 -32.78 -20.62
N GLU B 168 -37.85 -32.24 -19.76
CA GLU B 168 -38.09 -30.80 -19.70
C GLU B 168 -36.86 -30.09 -19.11
N ILE B 169 -36.40 -30.59 -17.97
CA ILE B 169 -35.24 -30.00 -17.32
C ILE B 169 -34.05 -30.10 -18.27
N VAL B 170 -33.89 -31.26 -18.90
CA VAL B 170 -32.81 -31.46 -19.84
C VAL B 170 -32.90 -30.42 -20.93
N ASP B 171 -34.08 -30.36 -21.56
CA ASP B 171 -34.39 -29.42 -22.65
C ASP B 171 -34.07 -27.95 -22.35
N GLN B 172 -34.64 -27.41 -21.27
CA GLN B 172 -34.41 -26.01 -20.90
C GLN B 172 -32.97 -25.75 -20.44
N VAL B 173 -32.32 -26.73 -19.84
CA VAL B 173 -30.95 -26.51 -19.43
C VAL B 173 -30.13 -26.46 -20.70
N SER B 174 -30.37 -27.38 -21.64
CA SER B 174 -29.60 -27.31 -22.87
C SER B 174 -29.98 -25.99 -23.56
N LYS B 175 -31.26 -25.59 -23.43
CA LYS B 175 -31.73 -24.34 -24.06
C LYS B 175 -30.98 -23.15 -23.52
N PHE B 176 -30.84 -23.06 -22.19
CA PHE B 176 -30.12 -21.97 -21.60
C PHE B 176 -28.67 -22.06 -21.99
N MET B 177 -28.13 -23.27 -22.02
CA MET B 177 -26.73 -23.47 -22.40
C MET B 177 -26.43 -22.91 -23.81
N ARG B 178 -27.17 -23.37 -24.81
CA ARG B 178 -26.93 -22.89 -26.18
C ARG B 178 -27.06 -21.37 -26.26
N SER B 179 -28.16 -20.85 -25.72
CA SER B 179 -28.44 -19.41 -25.76
C SER B 179 -27.35 -18.61 -25.08
N TYR B 180 -26.58 -19.26 -24.19
CA TYR B 180 -25.46 -18.56 -23.54
C TYR B 180 -24.09 -18.94 -24.11
N GLY B 181 -24.06 -19.75 -25.15
CA GLY B 181 -22.79 -20.04 -25.76
C GLY B 181 -22.01 -21.20 -25.19
N PHE B 182 -22.61 -21.93 -24.27
CA PHE B 182 -21.95 -23.11 -23.69
C PHE B 182 -22.00 -24.19 -24.78
N ASN B 183 -20.82 -24.65 -25.24
CA ASN B 183 -20.71 -25.61 -26.31
C ASN B 183 -21.78 -26.67 -26.47
N THR B 184 -21.89 -27.59 -25.49
CA THR B 184 -22.90 -28.66 -25.50
C THR B 184 -22.48 -30.04 -26.00
N ASN B 185 -21.42 -30.11 -26.80
CA ASN B 185 -20.94 -31.40 -27.34
C ASN B 185 -20.50 -32.41 -26.26
N LYS B 186 -19.86 -31.93 -25.20
CA LYS B 186 -19.40 -32.84 -24.15
C LYS B 186 -20.27 -32.73 -22.91
N VAL B 187 -21.53 -32.38 -23.10
CA VAL B 187 -22.41 -32.30 -21.96
C VAL B 187 -23.33 -33.51 -21.94
N ARG B 188 -23.46 -34.12 -20.76
CA ARG B 188 -24.32 -35.29 -20.61
C ARG B 188 -25.29 -35.14 -19.48
N PHE B 189 -26.45 -35.73 -19.68
CA PHE B 189 -27.48 -35.67 -18.67
C PHE B 189 -27.79 -37.09 -18.15
N VAL B 190 -28.06 -37.18 -16.86
CA VAL B 190 -28.40 -38.48 -16.32
C VAL B 190 -29.39 -38.26 -15.23
N PRO B 191 -30.51 -39.00 -15.30
CA PRO B 191 -31.58 -38.88 -14.29
C PRO B 191 -31.12 -39.73 -13.09
N VAL B 192 -31.13 -39.13 -11.89
CA VAL B 192 -30.64 -39.84 -10.73
C VAL B 192 -31.31 -39.57 -9.40
N VAL B 193 -30.97 -40.42 -8.42
CA VAL B 193 -31.42 -40.28 -7.06
C VAL B 193 -30.19 -40.47 -6.16
N ALA B 194 -29.62 -39.36 -5.74
CA ALA B 194 -28.41 -39.39 -4.91
C ALA B 194 -28.40 -40.32 -3.68
N PRO B 195 -29.38 -40.21 -2.76
CA PRO B 195 -29.40 -41.06 -1.56
C PRO B 195 -29.29 -42.58 -1.77
N SER B 196 -29.89 -43.05 -2.86
CA SER B 196 -29.93 -44.47 -3.17
C SER B 196 -28.92 -44.91 -4.20
N GLY B 197 -28.40 -43.96 -4.98
CA GLY B 197 -27.42 -44.34 -5.97
C GLY B 197 -28.00 -44.70 -7.32
N ASP B 198 -29.31 -44.45 -7.46
CA ASP B 198 -30.02 -44.70 -8.71
C ASP B 198 -29.35 -43.96 -9.86
N ASN B 199 -28.89 -44.72 -10.84
CA ASN B 199 -28.19 -44.24 -12.02
C ASN B 199 -26.88 -43.48 -11.70
N ILE B 200 -26.38 -43.64 -10.48
CA ILE B 200 -25.12 -43.03 -10.10
C ILE B 200 -24.13 -44.16 -10.12
N THR B 201 -24.26 -45.11 -9.19
CA THR B 201 -23.34 -46.25 -9.12
C THR B 201 -23.97 -47.59 -9.53
N HIS B 202 -25.23 -47.55 -9.93
CA HIS B 202 -25.95 -48.74 -10.41
C HIS B 202 -27.15 -48.26 -11.22
N LYS B 203 -27.62 -49.10 -12.15
CA LYS B 203 -28.78 -48.78 -12.98
C LYS B 203 -30.02 -48.88 -12.08
N SER B 204 -30.76 -47.77 -11.96
CA SER B 204 -31.93 -47.64 -11.08
C SER B 204 -33.03 -48.71 -11.00
N GLU B 205 -33.70 -48.92 -12.14
CA GLU B 205 -34.82 -49.87 -12.32
C GLU B 205 -36.16 -49.13 -12.14
N ASN B 206 -36.13 -48.01 -11.39
CA ASN B 206 -37.30 -47.14 -11.16
C ASN B 206 -37.47 -46.25 -12.36
N MET B 207 -36.53 -46.34 -13.31
CA MET B 207 -36.58 -45.49 -14.50
C MET B 207 -36.23 -46.30 -15.73
N LYS B 208 -36.92 -47.44 -15.87
CA LYS B 208 -36.70 -48.32 -17.00
C LYS B 208 -36.68 -47.62 -18.34
N TRP B 209 -37.29 -46.43 -18.39
CA TRP B 209 -37.31 -45.63 -19.63
C TRP B 209 -35.93 -45.07 -20.02
N TYR B 210 -35.03 -44.93 -19.03
CA TYR B 210 -33.69 -44.42 -19.29
C TYR B 210 -32.72 -45.57 -19.61
N ASN B 211 -32.11 -45.52 -20.78
CA ASN B 211 -31.18 -46.57 -21.16
C ASN B 211 -29.83 -45.95 -21.46
N GLY B 212 -29.57 -44.80 -20.84
CA GLY B 212 -28.31 -44.12 -21.05
C GLY B 212 -27.32 -44.59 -20.01
N PRO B 213 -26.06 -44.11 -20.07
CA PRO B 213 -25.05 -44.52 -19.09
C PRO B 213 -25.40 -44.00 -17.68
N THR B 214 -24.81 -44.61 -16.63
CA THR B 214 -25.04 -44.14 -15.28
C THR B 214 -24.05 -42.97 -15.11
N LEU B 215 -24.14 -42.21 -14.03
CA LEU B 215 -23.20 -41.10 -13.80
C LEU B 215 -21.77 -41.69 -13.79
N GLU B 216 -21.57 -42.79 -13.05
CA GLU B 216 -20.25 -43.43 -13.04
C GLU B 216 -19.77 -43.81 -14.43
N GLU B 217 -20.66 -44.28 -15.29
CA GLU B 217 -20.14 -44.65 -16.62
C GLU B 217 -19.78 -43.40 -17.43
N TYR B 218 -20.46 -42.28 -17.17
CA TYR B 218 -20.08 -41.04 -17.91
C TYR B 218 -18.72 -40.57 -17.37
N LEU B 219 -18.46 -40.86 -16.10
CA LEU B 219 -17.16 -40.48 -15.54
C LEU B 219 -16.07 -41.22 -16.27
N ASP B 220 -16.28 -42.50 -16.55
CA ASP B 220 -15.26 -43.28 -17.26
C ASP B 220 -15.11 -42.91 -18.73
N GLN B 221 -16.06 -42.12 -19.23
CA GLN B 221 -15.93 -41.61 -20.60
C GLN B 221 -15.16 -40.27 -20.60
N LEU B 222 -14.84 -39.70 -19.44
CA LEU B 222 -14.09 -38.43 -19.46
C LEU B 222 -12.68 -38.62 -20.10
N GLU B 223 -12.08 -37.50 -20.52
CA GLU B 223 -10.74 -37.44 -21.12
C GLU B 223 -9.86 -36.46 -20.33
N LEU B 224 -8.58 -36.78 -20.20
CA LEU B 224 -7.67 -35.91 -19.47
C LEU B 224 -7.59 -34.71 -20.40
N PRO B 225 -7.59 -33.48 -19.84
CA PRO B 225 -7.51 -32.30 -20.72
C PRO B 225 -6.34 -32.43 -21.72
N PRO B 226 -6.65 -32.26 -23.01
CA PRO B 226 -5.76 -32.35 -24.17
C PRO B 226 -4.61 -31.30 -24.25
N LYS B 227 -3.55 -31.63 -24.99
CA LYS B 227 -2.43 -30.72 -25.17
C LYS B 227 -2.96 -29.59 -26.02
N PRO B 228 -2.51 -28.37 -25.78
CA PRO B 228 -3.14 -27.41 -26.69
C PRO B 228 -2.41 -27.23 -28.05
N VAL B 229 -2.02 -28.34 -28.67
CA VAL B 229 -1.31 -28.30 -29.97
C VAL B 229 -2.22 -27.90 -31.12
N ASP B 230 -3.51 -28.20 -30.97
CA ASP B 230 -4.49 -27.91 -32.00
C ASP B 230 -4.97 -26.48 -31.92
N LYS B 231 -4.67 -25.81 -30.81
CA LYS B 231 -5.09 -24.42 -30.62
C LYS B 231 -4.11 -23.44 -31.27
N PRO B 232 -4.53 -22.20 -31.54
CA PRO B 232 -3.58 -21.27 -32.16
C PRO B 232 -2.29 -21.11 -31.35
N LEU B 233 -1.22 -20.77 -32.09
CA LEU B 233 0.10 -20.60 -31.49
C LEU B 233 0.12 -19.39 -30.59
N ARG B 234 0.74 -19.56 -29.43
CA ARG B 234 0.94 -18.40 -28.54
C ARG B 234 2.28 -18.64 -27.83
N ILE B 235 3.18 -17.67 -27.93
CA ILE B 235 4.47 -17.78 -27.26
C ILE B 235 4.82 -16.41 -26.55
N PRO B 236 4.54 -16.26 -25.23
CA PRO B 236 4.86 -15.00 -24.55
C PRO B 236 6.39 -14.89 -24.53
N ILE B 237 6.91 -13.72 -24.86
CA ILE B 237 8.36 -13.56 -24.93
C ILE B 237 8.94 -13.15 -23.59
N GLN B 238 9.96 -13.87 -23.16
CA GLN B 238 10.64 -13.61 -21.87
C GLN B 238 11.90 -12.73 -22.02
N ASP B 239 12.67 -12.97 -23.07
CA ASP B 239 13.91 -12.21 -23.31
C ASP B 239 14.17 -12.19 -24.83
N VAL B 240 15.02 -11.27 -25.26
CA VAL B 240 15.36 -11.20 -26.67
C VAL B 240 16.86 -10.90 -26.77
N TYR B 241 17.56 -11.74 -27.55
CA TYR B 241 18.99 -11.61 -27.73
C TYR B 241 19.31 -11.40 -29.19
N SER B 242 20.60 -11.10 -29.42
CA SER B 242 21.22 -10.93 -30.73
C SER B 242 22.49 -11.80 -30.72
N ILE B 243 22.68 -12.63 -31.74
CA ILE B 243 23.90 -13.40 -31.80
C ILE B 243 24.51 -12.92 -33.12
N SER B 244 25.75 -12.46 -33.06
CA SER B 244 26.46 -11.93 -34.22
C SER B 244 26.45 -13.02 -35.28
N GLY B 245 26.03 -12.69 -36.50
CA GLY B 245 26.01 -13.70 -37.56
C GLY B 245 24.79 -14.61 -37.55
N VAL B 246 23.96 -14.50 -36.52
CA VAL B 246 22.76 -15.36 -36.42
C VAL B 246 21.55 -14.53 -36.55
N GLY B 247 21.49 -13.47 -35.74
CA GLY B 247 20.32 -12.63 -35.81
C GLY B 247 19.58 -12.48 -34.48
N THR B 248 18.33 -12.11 -34.59
CA THR B 248 17.46 -11.85 -33.44
C THR B 248 17.04 -13.17 -32.89
N VAL B 249 17.21 -13.35 -31.59
CA VAL B 249 16.80 -14.60 -30.96
C VAL B 249 15.90 -14.41 -29.71
N PRO B 250 14.57 -14.38 -29.88
CA PRO B 250 13.65 -14.24 -28.73
C PRO B 250 13.68 -15.59 -28.01
N VAL B 251 13.33 -15.55 -26.73
CA VAL B 251 13.27 -16.76 -25.91
C VAL B 251 11.88 -16.71 -25.19
N GLY B 252 11.20 -17.85 -25.16
CA GLY B 252 9.90 -17.88 -24.50
C GLY B 252 9.39 -19.30 -24.43
N ARG B 253 8.25 -19.51 -23.76
CA ARG B 253 7.66 -20.84 -23.61
C ARG B 253 6.44 -20.97 -24.51
N VAL B 254 6.39 -22.04 -25.31
CA VAL B 254 5.22 -22.21 -26.16
C VAL B 254 4.05 -22.57 -25.20
N GLU B 255 2.98 -21.79 -25.23
CA GLU B 255 1.88 -22.04 -24.32
C GLU B 255 0.69 -22.67 -25.06
N SER B 256 0.67 -22.58 -26.37
CA SER B 256 -0.41 -23.14 -27.13
C SER B 256 0.08 -23.34 -28.58
N GLY B 257 -0.53 -24.27 -29.32
CA GLY B 257 -0.12 -24.44 -30.71
C GLY B 257 1.25 -25.05 -30.95
N VAL B 258 1.72 -24.98 -32.21
CA VAL B 258 3.01 -25.57 -32.57
C VAL B 258 3.91 -24.63 -33.41
N LEU B 259 5.20 -24.61 -33.12
CA LEU B 259 6.07 -23.73 -33.90
C LEU B 259 7.05 -24.59 -34.70
N LYS B 260 7.12 -24.40 -36.01
CA LYS B 260 8.05 -25.21 -36.81
C LYS B 260 9.02 -24.28 -37.57
N VAL B 261 10.26 -24.73 -37.70
CA VAL B 261 11.25 -24.01 -38.50
C VAL B 261 10.56 -23.82 -39.81
N GLY B 262 10.62 -22.61 -40.35
CA GLY B 262 9.98 -22.33 -41.62
C GLY B 262 8.72 -21.53 -41.50
N ASP B 263 8.08 -21.53 -40.33
CA ASP B 263 6.83 -20.76 -40.16
C ASP B 263 7.05 -19.26 -40.20
N LYS B 264 6.02 -18.57 -40.62
CA LYS B 264 5.96 -17.13 -40.63
C LYS B 264 5.30 -16.92 -39.26
N ILE B 265 5.71 -15.89 -38.53
CA ILE B 265 5.15 -15.59 -37.23
C ILE B 265 4.93 -14.09 -37.12
N VAL B 266 4.01 -13.70 -36.25
CA VAL B 266 3.73 -12.27 -36.05
C VAL B 266 3.92 -11.95 -34.57
N PHE B 267 4.53 -10.80 -34.30
CA PHE B 267 4.79 -10.35 -32.96
C PHE B 267 3.75 -9.29 -32.63
N MET B 268 3.07 -9.45 -31.51
CA MET B 268 2.10 -8.45 -31.11
C MET B 268 2.69 -7.89 -29.79
N PRO B 269 2.37 -6.65 -29.44
CA PRO B 269 1.50 -5.75 -30.20
C PRO B 269 2.14 -4.98 -31.38
N ALA B 270 3.40 -5.24 -31.75
CA ALA B 270 4.00 -4.47 -32.86
C ALA B 270 3.37 -4.74 -34.23
N GLY B 271 3.01 -6.00 -34.45
CA GLY B 271 2.43 -6.39 -35.72
C GLY B 271 3.49 -6.74 -36.77
N LYS B 272 4.65 -7.22 -36.33
CA LYS B 272 5.72 -7.55 -37.25
C LYS B 272 5.79 -9.03 -37.53
N VAL B 273 5.99 -9.37 -38.80
CA VAL B 273 6.08 -10.75 -39.22
C VAL B 273 7.49 -11.15 -39.60
N GLY B 274 7.89 -12.37 -39.27
CA GLY B 274 9.22 -12.84 -39.61
C GLY B 274 9.11 -14.30 -39.92
N GLU B 275 10.23 -14.95 -40.18
CA GLU B 275 10.23 -16.37 -40.48
C GLU B 275 11.16 -16.99 -39.48
N VAL B 276 10.76 -18.13 -38.90
CA VAL B 276 11.58 -18.83 -37.94
C VAL B 276 12.58 -19.61 -38.72
N ARG B 277 13.85 -19.42 -38.42
CA ARG B 277 14.96 -20.05 -39.10
C ARG B 277 15.49 -21.23 -38.31
N SER B 278 15.36 -21.18 -37.00
CA SER B 278 15.85 -22.27 -36.17
C SER B 278 15.17 -22.19 -34.79
N ILE B 279 15.22 -23.32 -34.10
CA ILE B 279 14.58 -23.45 -32.77
C ILE B 279 15.56 -24.26 -31.91
N GLU B 280 15.70 -23.87 -30.65
CA GLU B 280 16.58 -24.56 -29.78
C GLU B 280 15.83 -24.74 -28.45
N THR B 281 15.90 -25.94 -27.89
CA THR B 281 15.27 -26.23 -26.61
C THR B 281 16.32 -26.92 -25.76
N HIS B 282 16.63 -26.33 -24.62
CA HIS B 282 17.63 -26.88 -23.71
C HIS B 282 18.96 -27.07 -24.42
N HIS B 283 19.31 -26.03 -25.18
CA HIS B 283 20.54 -25.98 -25.94
C HIS B 283 20.59 -27.14 -26.91
N THR B 284 19.43 -27.51 -27.44
CA THR B 284 19.36 -28.61 -28.39
C THR B 284 18.60 -28.15 -29.63
N LYS B 285 19.20 -28.36 -30.81
CA LYS B 285 18.57 -27.94 -32.07
C LYS B 285 17.36 -28.80 -32.35
N MET B 286 16.24 -28.17 -32.71
CA MET B 286 14.96 -28.85 -32.93
C MET B 286 14.27 -28.39 -34.22
N ASP B 287 13.32 -29.16 -34.77
CA ASP B 287 12.57 -28.73 -35.95
C ASP B 287 11.21 -28.16 -35.55
N LYS B 288 10.77 -28.49 -34.35
CA LYS B 288 9.49 -27.99 -33.91
C LYS B 288 9.49 -27.82 -32.38
N ALA B 289 8.50 -27.09 -31.92
CA ALA B 289 8.34 -26.88 -30.48
C ALA B 289 6.87 -26.99 -30.23
N GLU B 290 6.52 -27.67 -29.13
CA GLU B 290 5.10 -27.85 -28.78
C GLU B 290 4.83 -27.24 -27.39
N PRO B 291 3.55 -27.21 -26.96
CA PRO B 291 3.22 -26.63 -25.65
C PRO B 291 4.09 -27.13 -24.53
N GLY B 292 4.52 -26.16 -23.73
CA GLY B 292 5.37 -26.45 -22.59
C GLY B 292 6.84 -26.36 -22.87
N ASP B 293 7.23 -26.33 -24.16
CA ASP B 293 8.64 -26.25 -24.51
C ASP B 293 9.13 -24.79 -24.31
N ASN B 294 10.26 -24.62 -23.66
CA ASN B 294 10.81 -23.32 -23.39
C ASN B 294 11.93 -23.24 -24.45
N ILE B 295 11.75 -22.36 -25.41
CA ILE B 295 12.69 -22.30 -26.54
C ILE B 295 13.39 -20.95 -26.81
N GLY B 296 14.41 -21.03 -27.66
CA GLY B 296 15.10 -19.85 -28.16
C GLY B 296 14.82 -20.12 -29.64
N PHE B 297 14.56 -19.09 -30.44
CA PHE B 297 14.34 -19.34 -31.87
C PHE B 297 14.89 -18.12 -32.64
N ASN B 298 15.58 -18.39 -33.74
CA ASN B 298 16.09 -17.30 -34.58
C ASN B 298 14.99 -16.88 -35.54
N VAL B 299 14.63 -15.61 -35.49
CA VAL B 299 13.62 -15.11 -36.37
C VAL B 299 14.33 -14.15 -37.37
N ARG B 300 14.10 -14.40 -38.66
CA ARG B 300 14.70 -13.55 -39.71
C ARG B 300 13.64 -12.60 -40.25
N GLY B 301 14.04 -11.36 -40.49
CA GLY B 301 13.11 -10.40 -41.04
C GLY B 301 12.52 -9.46 -40.04
N VAL B 302 12.90 -9.61 -38.77
CA VAL B 302 12.42 -8.72 -37.72
C VAL B 302 13.59 -8.15 -36.91
N GLU B 303 13.49 -6.86 -36.64
CA GLU B 303 14.52 -6.18 -35.90
C GLU B 303 14.34 -6.36 -34.41
N LYS B 304 15.43 -6.60 -33.72
CA LYS B 304 15.35 -6.77 -32.28
C LYS B 304 14.60 -5.66 -31.54
N LYS B 305 14.51 -4.44 -32.11
CA LYS B 305 13.84 -3.33 -31.43
C LYS B 305 12.36 -3.46 -31.49
N ASP B 306 11.86 -4.27 -32.40
CA ASP B 306 10.43 -4.47 -32.47
C ASP B 306 10.01 -5.64 -31.58
N ILE B 307 10.95 -6.16 -30.78
CA ILE B 307 10.63 -7.27 -29.88
C ILE B 307 11.04 -6.99 -28.44
N LYS B 308 10.13 -7.24 -27.49
CA LYS B 308 10.41 -6.98 -26.07
C LYS B 308 9.78 -8.03 -25.16
N ARG B 309 10.35 -8.23 -23.98
CA ARG B 309 9.75 -9.14 -22.98
C ARG B 309 8.30 -8.69 -22.84
N GLY B 310 7.36 -9.63 -22.77
CA GLY B 310 5.95 -9.27 -22.63
C GLY B 310 5.13 -9.30 -23.93
N ASP B 311 5.83 -9.23 -25.07
CA ASP B 311 5.16 -9.30 -26.36
C ASP B 311 4.74 -10.77 -26.53
N VAL B 312 3.83 -11.05 -27.47
CA VAL B 312 3.44 -12.43 -27.68
C VAL B 312 3.48 -12.74 -29.20
N VAL B 313 4.01 -13.91 -29.54
CA VAL B 313 4.13 -14.43 -30.90
C VAL B 313 2.96 -15.37 -31.19
N GLY B 314 2.49 -15.30 -32.44
CA GLY B 314 1.42 -16.19 -32.91
C GLY B 314 1.70 -16.34 -34.42
N HIS B 315 0.82 -17.05 -35.12
CA HIS B 315 0.97 -17.18 -36.55
C HIS B 315 0.14 -16.05 -37.11
N PRO B 316 0.52 -15.51 -38.28
CA PRO B 316 -0.23 -14.38 -38.86
C PRO B 316 -1.77 -14.56 -39.00
N ASN B 317 -2.21 -15.79 -39.22
CA ASN B 317 -3.63 -16.12 -39.39
C ASN B 317 -4.46 -15.85 -38.12
N ASN B 318 -3.87 -16.15 -36.96
CA ASN B 318 -4.53 -15.95 -35.67
C ASN B 318 -3.56 -15.18 -34.79
N PRO B 319 -3.46 -13.86 -34.99
CA PRO B 319 -2.53 -13.10 -34.16
C PRO B 319 -3.01 -12.94 -32.70
N PRO B 320 -2.04 -12.91 -31.75
CA PRO B 320 -2.36 -12.73 -30.33
C PRO B 320 -3.27 -11.51 -30.16
N THR B 321 -4.22 -11.62 -29.24
CA THR B 321 -5.16 -10.53 -28.98
C THR B 321 -4.50 -9.39 -28.22
N VAL B 322 -4.86 -8.16 -28.53
CA VAL B 322 -4.32 -6.99 -27.84
C VAL B 322 -5.54 -6.30 -27.25
N ALA B 323 -5.51 -6.11 -25.95
CA ALA B 323 -6.63 -5.52 -25.25
C ALA B 323 -6.66 -4.02 -25.11
N ASP B 324 -7.78 -3.47 -25.51
CA ASP B 324 -8.02 -2.04 -25.34
C ASP B 324 -8.67 -2.03 -23.95
N GLU B 325 -9.41 -3.11 -23.65
CA GLU B 325 -10.05 -3.27 -22.36
C GLU B 325 -10.37 -4.76 -22.15
N PHE B 326 -10.41 -5.19 -20.90
CA PHE B 326 -10.78 -6.59 -20.66
C PHE B 326 -11.58 -6.67 -19.38
N THR B 327 -12.29 -7.78 -19.20
CA THR B 327 -13.13 -8.03 -18.05
C THR B 327 -12.54 -9.23 -17.31
N ALA B 328 -12.53 -9.15 -15.98
CA ALA B 328 -11.96 -10.21 -15.15
C ALA B 328 -12.76 -10.50 -13.94
N ARG B 329 -12.58 -11.70 -13.38
CA ARG B 329 -13.17 -12.01 -12.12
C ARG B 329 -11.93 -12.03 -11.20
N ILE B 330 -11.96 -11.21 -10.15
CA ILE B 330 -10.80 -11.13 -9.27
C ILE B 330 -11.12 -11.37 -7.82
N ILE B 331 -10.07 -11.71 -7.07
CA ILE B 331 -10.14 -11.81 -5.65
C ILE B 331 -9.13 -10.71 -5.16
N VAL B 332 -9.57 -9.86 -4.22
CA VAL B 332 -8.62 -8.86 -3.68
C VAL B 332 -7.98 -9.55 -2.49
N VAL B 333 -6.78 -10.08 -2.68
CA VAL B 333 -6.13 -10.77 -1.55
C VAL B 333 -5.47 -9.83 -0.54
N TRP B 334 -5.03 -8.67 -0.98
CA TRP B 334 -4.42 -7.73 -0.01
C TRP B 334 -4.64 -6.25 -0.39
N HIS B 335 -5.32 -5.47 0.47
CA HIS B 335 -5.41 -4.03 0.21
C HIS B 335 -5.61 -3.39 1.59
N PRO B 336 -4.78 -2.37 1.93
CA PRO B 336 -4.92 -1.73 3.25
C PRO B 336 -6.19 -0.91 3.47
N THR B 337 -6.78 -0.39 2.40
CA THR B 337 -8.01 0.42 2.59
C THR B 337 -9.11 -0.01 1.60
N ALA B 338 -9.28 0.69 0.49
CA ALA B 338 -10.30 0.28 -0.48
C ALA B 338 -9.80 0.69 -1.83
N LEU B 339 -10.22 -0.02 -2.85
CA LEU B 339 -9.80 0.34 -4.18
C LEU B 339 -11.03 0.68 -5.04
N ALA B 340 -10.90 1.70 -5.87
CA ALA B 340 -12.01 2.17 -6.73
C ALA B 340 -11.60 2.36 -8.17
N ASN B 341 -12.59 2.73 -9.01
CA ASN B 341 -12.28 2.99 -10.41
C ASN B 341 -11.13 3.99 -10.44
N GLY B 342 -10.27 3.85 -11.44
CA GLY B 342 -9.14 4.73 -11.60
C GLY B 342 -7.87 4.11 -11.02
N TYR B 343 -8.01 3.14 -10.11
CA TYR B 343 -6.84 2.47 -9.48
C TYR B 343 -6.08 1.84 -10.61
N THR B 344 -4.79 2.17 -10.67
CA THR B 344 -3.95 1.67 -11.76
C THR B 344 -2.71 0.89 -11.28
N PRO B 345 -2.91 -0.36 -10.84
CA PRO B 345 -1.74 -1.13 -10.39
C PRO B 345 -1.05 -1.76 -11.62
N VAL B 346 0.13 -2.34 -11.39
CA VAL B 346 0.82 -3.03 -12.44
C VAL B 346 0.26 -4.44 -12.48
N LEU B 347 -0.10 -4.90 -13.66
CA LEU B 347 -0.57 -6.25 -13.76
C LEU B 347 0.49 -7.13 -14.38
N HIS B 348 0.65 -8.30 -13.78
CA HIS B 348 1.60 -9.27 -14.33
C HIS B 348 0.79 -10.42 -14.92
N VAL B 349 0.95 -10.60 -16.22
CA VAL B 349 0.20 -11.67 -16.90
C VAL B 349 1.22 -12.27 -17.91
N HIS B 350 1.33 -13.60 -17.89
CA HIS B 350 2.32 -14.34 -18.68
C HIS B 350 3.64 -13.62 -18.46
N THR B 351 4.35 -13.19 -19.48
CA THR B 351 5.62 -12.52 -19.23
C THR B 351 5.50 -11.00 -19.19
N ALA B 352 4.30 -10.46 -19.32
CA ALA B 352 4.15 -9.02 -19.34
C ALA B 352 3.97 -8.35 -17.96
N SER B 353 4.33 -7.09 -17.87
CA SER B 353 4.15 -6.33 -16.62
C SER B 353 3.75 -4.92 -17.11
N VAL B 354 2.46 -4.64 -17.00
CA VAL B 354 1.91 -3.43 -17.53
C VAL B 354 0.84 -2.85 -16.60
N ALA B 355 0.90 -1.54 -16.34
CA ALA B 355 -0.06 -0.87 -15.47
C ALA B 355 -1.39 -0.86 -16.24
N CYS B 356 -2.48 -1.15 -15.55
CA CYS B 356 -3.84 -1.24 -16.13
C CYS B 356 -4.76 -0.51 -15.18
N ARG B 357 -5.53 0.44 -15.71
CA ARG B 357 -6.44 1.20 -14.89
C ARG B 357 -7.77 0.46 -14.71
N VAL B 358 -8.28 0.44 -13.50
CA VAL B 358 -9.57 -0.19 -13.24
C VAL B 358 -10.58 0.78 -13.89
N SER B 359 -11.34 0.30 -14.88
CA SER B 359 -12.29 1.17 -15.57
C SER B 359 -13.71 0.99 -15.07
N GLU B 360 -14.01 -0.16 -14.48
CA GLU B 360 -15.34 -0.35 -13.97
C GLU B 360 -15.34 -1.44 -12.95
N LEU B 361 -16.15 -1.23 -11.92
CA LEU B 361 -16.38 -2.22 -10.89
C LEU B 361 -17.83 -2.66 -11.25
N VAL B 362 -17.93 -3.69 -12.09
CA VAL B 362 -19.20 -4.23 -12.55
C VAL B 362 -20.05 -4.80 -11.42
N SER B 363 -19.45 -5.61 -10.55
CA SER B 363 -20.20 -6.20 -9.47
C SER B 363 -19.37 -6.97 -8.48
N LYS B 364 -19.89 -7.10 -7.28
CA LYS B 364 -19.24 -7.85 -6.21
C LYS B 364 -19.96 -9.23 -6.29
N LEU B 365 -19.25 -10.32 -6.04
CA LEU B 365 -19.80 -11.70 -6.08
C LEU B 365 -19.81 -12.30 -4.68
N ASP B 366 -20.72 -13.24 -4.45
CA ASP B 366 -20.81 -13.92 -3.19
C ASP B 366 -19.58 -14.87 -3.22
N PRO B 367 -18.64 -14.77 -2.25
CA PRO B 367 -17.45 -15.64 -2.25
C PRO B 367 -17.71 -17.14 -2.11
N ARG B 368 -18.89 -17.52 -1.63
CA ARG B 368 -19.22 -18.92 -1.45
C ARG B 368 -20.00 -19.54 -2.60
N THR B 369 -20.85 -18.74 -3.26
CA THR B 369 -21.68 -19.27 -4.35
C THR B 369 -21.45 -18.73 -5.74
N GLY B 370 -20.72 -17.63 -5.85
CA GLY B 370 -20.48 -17.05 -7.16
C GLY B 370 -21.61 -16.15 -7.67
N GLN B 371 -22.76 -16.08 -6.98
CA GLN B 371 -23.84 -15.22 -7.48
C GLN B 371 -23.53 -13.71 -7.28
N GLU B 372 -24.04 -12.85 -8.15
CA GLU B 372 -23.80 -11.42 -8.03
C GLU B 372 -24.33 -10.92 -6.68
N ALA B 373 -23.53 -10.19 -5.91
CA ALA B 373 -23.99 -9.72 -4.58
C ALA B 373 -24.37 -8.24 -4.46
N GLU B 374 -23.73 -7.40 -5.25
CA GLU B 374 -23.98 -5.97 -5.25
C GLU B 374 -23.60 -5.48 -6.63
N LYS B 375 -24.51 -4.82 -7.34
CA LYS B 375 -24.16 -4.33 -8.66
C LYS B 375 -23.40 -3.00 -8.52
N ASN B 376 -22.48 -2.75 -9.44
CA ASN B 376 -21.66 -1.52 -9.45
C ASN B 376 -21.26 -0.97 -8.08
N PRO B 377 -20.49 -1.74 -7.29
CA PRO B 377 -20.06 -1.28 -5.98
C PRO B 377 -19.14 -0.04 -6.16
N GLN B 378 -19.11 0.83 -5.16
CA GLN B 378 -18.28 2.02 -5.27
C GLN B 378 -16.78 1.72 -5.08
N PHE B 379 -16.47 0.63 -4.39
CA PHE B 379 -15.07 0.28 -4.17
C PHE B 379 -15.02 -1.18 -3.73
N LEU B 380 -13.82 -1.75 -3.69
CA LEU B 380 -13.65 -3.13 -3.23
C LEU B 380 -12.70 -3.08 -2.02
N LYS B 381 -12.84 -4.01 -1.10
CA LYS B 381 -11.97 -4.13 0.07
C LYS B 381 -11.29 -5.48 0.00
N GLN B 382 -10.28 -5.68 0.84
CA GLN B 382 -9.56 -6.95 0.90
C GLN B 382 -10.55 -8.09 1.19
N GLY B 383 -10.52 -9.12 0.35
CA GLY B 383 -11.41 -10.25 0.57
C GLY B 383 -12.55 -10.27 -0.41
N ASP B 384 -12.83 -9.16 -1.06
CA ASP B 384 -13.91 -9.13 -2.02
C ASP B 384 -13.56 -9.87 -3.29
N VAL B 385 -14.57 -10.49 -3.91
CA VAL B 385 -14.41 -11.13 -5.20
C VAL B 385 -15.34 -10.31 -6.09
N ALA B 386 -14.92 -10.00 -7.30
CA ALA B 386 -15.73 -9.11 -8.15
C ALA B 386 -15.43 -9.23 -9.59
N ILE B 387 -16.33 -8.71 -10.42
CA ILE B 387 -16.12 -8.69 -11.86
C ILE B 387 -15.71 -7.22 -12.06
N VAL B 388 -14.61 -7.03 -12.78
CA VAL B 388 -14.02 -5.70 -12.95
C VAL B 388 -13.45 -5.52 -14.36
N LYS B 389 -13.48 -4.31 -14.92
CA LYS B 389 -12.87 -4.09 -16.23
C LYS B 389 -11.59 -3.30 -16.03
N PHE B 390 -10.61 -3.58 -16.88
CA PHE B 390 -9.29 -2.95 -16.83
C PHE B 390 -8.95 -2.37 -18.20
N LYS B 391 -8.32 -1.19 -18.23
CA LYS B 391 -7.86 -0.63 -19.49
C LYS B 391 -6.34 -0.47 -19.36
N PRO B 392 -5.55 -1.25 -20.11
CA PRO B 392 -4.08 -1.20 -20.10
C PRO B 392 -3.60 0.19 -20.54
N ILE B 393 -2.63 0.76 -19.84
CA ILE B 393 -2.15 2.10 -20.21
C ILE B 393 -1.18 2.05 -21.35
N LYS B 394 -0.62 0.87 -21.59
CA LYS B 394 0.30 0.64 -22.68
C LYS B 394 -0.40 -0.57 -23.36
N PRO B 395 -0.09 -0.85 -24.65
CA PRO B 395 -0.64 -1.96 -25.46
C PRO B 395 -0.29 -3.25 -24.74
N LEU B 396 -1.24 -4.17 -24.59
CA LEU B 396 -1.01 -5.38 -23.84
C LEU B 396 -1.74 -6.59 -24.41
N CYS B 397 -0.99 -7.66 -24.62
CA CYS B 397 -1.58 -8.93 -25.11
C CYS B 397 -2.15 -9.74 -23.95
N VAL B 398 -3.44 -10.05 -23.99
CA VAL B 398 -4.08 -10.88 -22.95
C VAL B 398 -5.11 -11.75 -23.70
N GLU B 399 -5.56 -12.81 -23.07
CA GLU B 399 -6.56 -13.67 -23.77
C GLU B 399 -7.53 -14.12 -22.69
N LYS B 400 -8.70 -14.59 -23.14
CA LYS B 400 -9.68 -15.14 -22.23
C LYS B 400 -9.06 -16.42 -21.64
N TYR B 401 -9.31 -16.62 -20.34
CA TYR B 401 -8.80 -17.77 -19.65
C TYR B 401 -9.32 -19.07 -20.29
N ASN B 402 -10.58 -19.09 -20.76
CA ASN B 402 -11.05 -20.35 -21.32
C ASN B 402 -10.56 -20.60 -22.74
N GLU B 403 -9.69 -19.72 -23.27
CA GLU B 403 -9.17 -19.96 -24.62
C GLU B 403 -7.69 -20.24 -24.54
N PHE B 404 -6.96 -19.46 -23.72
CA PHE B 404 -5.50 -19.69 -23.59
C PHE B 404 -5.20 -19.37 -22.12
N PRO B 405 -5.39 -20.35 -21.20
CA PRO B 405 -5.19 -20.13 -19.78
C PRO B 405 -3.87 -19.51 -19.36
N PRO B 406 -2.74 -19.89 -19.97
CA PRO B 406 -1.57 -19.20 -19.46
C PRO B 406 -1.47 -17.72 -19.75
N LEU B 407 -2.29 -17.17 -20.67
CA LEU B 407 -2.31 -15.74 -20.96
C LEU B 407 -3.59 -15.13 -20.38
N GLY B 408 -4.27 -15.86 -19.51
CA GLY B 408 -5.53 -15.32 -18.99
C GLY B 408 -5.73 -15.28 -17.50
N ARG B 409 -4.67 -15.55 -16.74
CA ARG B 409 -4.68 -15.45 -15.25
C ARG B 409 -3.57 -14.37 -14.91
N PHE B 410 -3.86 -13.42 -14.04
CA PHE B 410 -2.89 -12.37 -13.78
C PHE B 410 -2.86 -11.99 -12.30
N ALA B 411 -1.77 -11.33 -11.90
CA ALA B 411 -1.69 -10.81 -10.53
C ALA B 411 -1.60 -9.27 -10.63
N MET B 412 -2.28 -8.59 -9.71
CA MET B 412 -2.27 -7.14 -9.63
C MET B 412 -1.22 -6.89 -8.52
N ARG B 413 -0.21 -6.04 -8.80
CA ARG B 413 0.86 -5.83 -7.80
C ARG B 413 0.95 -4.38 -7.42
N ASP B 414 1.36 -4.15 -6.17
CA ASP B 414 1.54 -2.76 -5.71
C ASP B 414 2.37 -2.84 -4.45
N MET B 415 3.28 -1.88 -4.26
CA MET B 415 4.12 -1.80 -3.07
C MET B 415 4.84 -3.12 -2.77
N GLY B 416 5.21 -3.84 -3.82
CA GLY B 416 5.98 -5.06 -3.63
C GLY B 416 5.19 -6.28 -3.24
N LYS B 417 3.86 -6.21 -3.37
CA LYS B 417 3.03 -7.35 -2.98
C LYS B 417 1.93 -7.59 -3.98
N THR B 418 1.32 -8.78 -3.88
CA THR B 418 0.16 -9.01 -4.74
C THR B 418 -1.16 -8.47 -4.10
N VAL B 419 -1.84 -7.58 -4.82
CA VAL B 419 -3.09 -7.00 -4.32
C VAL B 419 -4.25 -7.90 -4.73
N GLY B 420 -4.14 -8.48 -5.93
CA GLY B 420 -5.27 -9.29 -6.36
C GLY B 420 -4.90 -10.31 -7.40
N VAL B 421 -5.71 -11.35 -7.59
CA VAL B 421 -5.41 -12.33 -8.66
C VAL B 421 -6.73 -12.39 -9.48
N GLY B 422 -6.63 -12.51 -10.81
CA GLY B 422 -7.83 -12.53 -11.63
C GLY B 422 -7.75 -13.50 -12.79
N ILE B 423 -8.94 -13.81 -13.34
CA ILE B 423 -9.09 -14.66 -14.52
C ILE B 423 -9.76 -13.76 -15.53
N ILE B 424 -9.24 -13.74 -16.76
CA ILE B 424 -9.80 -12.86 -17.79
C ILE B 424 -10.99 -13.56 -18.44
N VAL B 425 -12.14 -12.90 -18.48
CA VAL B 425 -13.34 -13.53 -19.01
C VAL B 425 -13.83 -12.96 -20.32
N ASP B 426 -13.30 -11.79 -20.69
CA ASP B 426 -13.68 -11.13 -21.93
C ASP B 426 -12.61 -10.11 -22.29
N VAL B 427 -12.35 -9.95 -23.58
CA VAL B 427 -11.39 -8.99 -24.05
C VAL B 427 -12.01 -8.12 -25.15
N LYS B 428 -11.89 -6.81 -25.03
CA LYS B 428 -12.38 -5.90 -26.08
C LYS B 428 -11.09 -5.60 -26.82
N PRO B 429 -10.91 -6.17 -28.02
CA PRO B 429 -9.70 -5.97 -28.81
C PRO B 429 -9.45 -4.56 -29.23
N ALA B 430 -8.17 -4.27 -29.40
CA ALA B 430 -7.76 -2.98 -29.89
C ALA B 430 -7.71 -3.24 -31.39
#